data_5L3F
#
_entry.id   5L3F
#
_cell.length_a   119.204
_cell.length_b   178.998
_cell.length_c   235.777
_cell.angle_alpha   90.00
_cell.angle_beta   90.00
_cell.angle_gamma   90.00
#
_symmetry.space_group_name_H-M   'I 2 2 2'
#
loop_
_entity.id
_entity.type
_entity.pdbx_description
1 polymer 'Lysine-specific histone demethylase 1A'
2 polymer 'REST corepressor 1'
3 polymer 'Polmyxin B'
4 non-polymer 'FLAVIN-ADENINE DINUCLEOTIDE'
#
loop_
_entity_poly.entity_id
_entity_poly.type
_entity_poly.pdbx_seq_one_letter_code
_entity_poly.pdbx_strand_id
1 'polypeptide(L)'
;MDESLANLSEDEYYSEEERNAKAEKEKKLPPPPPQAPPEEENESEPEEPSGVEGAAFQSRLPHDRMTSQEAACFPDIISG
PQQTQKVFLFIRNRTLQLWLDNPKIQLTFEATLQQLEAPYNSDTVLVHRVHSYLERHGLINFGIYKRIKPLPTKKTGKVI
IIGSGVSGLAAARQLQSFGMDVTLLEARDRVGGRVATFRKGNYVADLGAMVVTGLGGNPMAVVSKQVNMELAKIKQKCPL
YEANGQAVPKEKDEMVEQEFNRLLEATSYLSHQLDFNVLNNKPVSLGQALEVVIQLQEKHVKDEQIEHWKKIVKTQEELK
ELLNKMVNLKEKIKELHQQYKEASEVKPPRDITAEFLVKSKHRDLTALCKEYDELAETQGKLEEKLQELEANPPSDVYLS
SRDRQILDWHFANLEFANATPLSTLSLKHWDQDDDFEFTGSHLTVRNGYSCVPVALAEGLDIKLNTAVRQVRYTASGCEV
IAVNTRSTSQTFIYKCDAVLCTLPLGVLKQQPPAVQFVPPLPEWKTSAVQRMGFGNLNKVVLCFDRVFWDPSVNLFGHVG
STTASRGELFLFWNLYKAPILLALVAGEAAGIMENISDDVIVGRCLAILKGIFGSSAVPQPKETVVSRWRADPWARGSYS
YVAAGSSGNDYDLMAQPITPGPSIPGAPQPIPRLFFAGEHTIRNYPATVHGALLSGLREAGRIADQFLGAMYTLPRQATP
GVPAQQSPSM
;
A
2 'polypeptide(L)'
;RAKRKPPKGMFLSQEDVEAVSANATAATTVLRQLDMELVSVKRQIQNIKQTNSALKEKLDGGIEPYRLPEVIQKCNARWT
TEEQLLAVQAIRKYGRDFQAISDVIGNKSVVQVKNFFVNYRRRFNIDEVLQEWEAEHGKEETNGPSNQKPVKSPDNSIKM
PEEEDEAPVLDVRYASAS
;
B
3 'polypeptide(L)' (6FH)(4FO)(DTH)(4FO)(4FO)(DAB)FL(DAB)(DAB)(DTH) C
#
loop_
_chem_comp.id
_chem_comp.type
_chem_comp.name
_chem_comp.formula
6FH non-polymer '(6~{S})-6-methyloctanoic acid' 'C9 H18 O2'
FAD non-polymer 'FLAVIN-ADENINE DINUCLEOTIDE' 'C27 H33 N9 O15 P2'
#
# COMPACT_ATOMS: atom_id res chain seq x y z
N PRO A 49 -9.65 -22.21 14.62
CA PRO A 49 -10.37 -22.81 15.75
C PRO A 49 -10.75 -24.27 15.53
N SER A 50 -11.25 -24.92 16.57
CA SER A 50 -11.64 -26.33 16.50
C SER A 50 -12.79 -26.65 17.45
N GLY A 51 -13.63 -27.61 17.04
CA GLY A 51 -14.79 -27.97 17.82
C GLY A 51 -15.99 -27.23 17.25
N VAL A 52 -16.93 -26.87 18.11
CA VAL A 52 -18.07 -26.12 17.63
C VAL A 52 -17.69 -24.67 17.36
N GLU A 53 -16.68 -24.17 18.06
CA GLU A 53 -16.23 -22.82 17.78
C GLU A 53 -15.69 -22.82 16.37
N GLY A 54 -15.19 -23.99 15.99
CA GLY A 54 -14.62 -24.18 14.67
C GLY A 54 -15.66 -23.97 13.63
N ALA A 55 -16.80 -24.63 13.81
CA ALA A 55 -17.95 -24.46 12.94
C ALA A 55 -18.40 -23.02 12.89
N ALA A 56 -18.56 -22.38 14.04
CA ALA A 56 -19.03 -20.99 14.04
C ALA A 56 -18.06 -20.11 13.27
N PHE A 57 -16.79 -20.46 13.33
CA PHE A 57 -15.81 -19.72 12.57
C PHE A 57 -16.00 -19.96 11.09
N GLN A 58 -16.01 -21.23 10.73
CA GLN A 58 -16.17 -21.65 9.36
C GLN A 58 -17.41 -21.06 8.71
N SER A 59 -18.41 -20.76 9.53
CA SER A 59 -19.63 -20.20 8.98
C SER A 59 -19.64 -18.69 9.09
N ARG A 60 -18.49 -18.11 9.33
CA ARG A 60 -18.35 -16.65 9.37
C ARG A 60 -19.14 -16.05 10.51
N LEU A 61 -19.16 -16.77 11.64
CA LEU A 61 -19.91 -16.34 12.83
C LEU A 61 -19.13 -16.39 14.15
N PRO A 62 -19.30 -15.36 14.98
CA PRO A 62 -18.70 -15.32 16.31
C PRO A 62 -19.31 -16.36 17.24
N HIS A 63 -18.54 -17.37 17.61
CA HIS A 63 -19.02 -18.46 18.46
C HIS A 63 -19.56 -18.01 19.81
N ASP A 64 -19.25 -16.79 20.22
CA ASP A 64 -19.63 -16.34 21.56
C ASP A 64 -20.59 -15.18 21.57
N ARG A 65 -21.19 -14.91 20.42
CA ARG A 65 -22.12 -13.79 20.33
C ARG A 65 -23.29 -14.10 19.44
N MET A 66 -24.39 -13.41 19.67
CA MET A 66 -25.50 -13.46 18.74
C MET A 66 -25.36 -12.33 17.74
N THR A 67 -25.43 -12.67 16.46
CA THR A 67 -25.31 -11.71 15.39
C THR A 67 -26.54 -10.82 15.34
N SER A 68 -26.53 -9.78 14.52
CA SER A 68 -27.70 -8.91 14.41
C SER A 68 -28.88 -9.66 13.81
N GLN A 69 -28.59 -10.50 12.84
CA GLN A 69 -29.62 -11.31 12.23
C GLN A 69 -30.28 -12.23 13.24
N GLU A 70 -29.46 -12.96 13.97
CA GLU A 70 -29.98 -13.87 14.98
C GLU A 70 -30.76 -13.11 16.01
N ALA A 71 -30.39 -11.85 16.23
CA ALA A 71 -31.10 -11.01 17.16
C ALA A 71 -32.47 -10.73 16.66
N ALA A 72 -32.57 -10.50 15.36
CA ALA A 72 -33.86 -10.21 14.76
C ALA A 72 -34.78 -11.42 14.78
N CYS A 73 -34.28 -12.57 14.39
CA CYS A 73 -35.10 -13.77 14.43
C CYS A 73 -35.44 -14.26 15.85
N PHE A 74 -34.61 -13.92 16.83
CA PHE A 74 -34.76 -14.46 18.16
C PHE A 74 -34.76 -13.42 19.25
N PRO A 75 -35.61 -12.39 19.14
CA PRO A 75 -35.49 -11.26 20.05
C PRO A 75 -35.91 -11.61 21.43
N ASP A 76 -36.50 -12.78 21.62
CA ASP A 76 -36.79 -13.23 22.97
C ASP A 76 -35.48 -13.61 23.61
N ILE A 77 -34.61 -14.25 22.83
CA ILE A 77 -33.39 -14.77 23.40
C ILE A 77 -32.46 -13.64 23.84
N ILE A 78 -31.97 -12.84 22.91
CA ILE A 78 -31.00 -11.81 23.29
C ILE A 78 -31.53 -10.91 24.37
N SER A 79 -32.79 -10.50 24.31
CA SER A 79 -33.30 -9.60 25.35
C SER A 79 -33.45 -10.30 26.69
N GLY A 80 -33.30 -11.63 26.67
CA GLY A 80 -33.44 -12.42 27.87
C GLY A 80 -32.13 -12.68 28.58
N PRO A 81 -32.09 -13.76 29.36
CA PRO A 81 -30.96 -14.13 30.23
C PRO A 81 -29.76 -14.66 29.46
N GLN A 82 -28.57 -14.36 29.97
CA GLN A 82 -27.34 -14.75 29.30
C GLN A 82 -27.25 -16.25 29.19
N GLN A 83 -27.80 -16.93 30.17
CA GLN A 83 -27.73 -18.38 30.16
C GLN A 83 -28.36 -18.94 28.91
N THR A 84 -29.59 -18.52 28.66
CA THR A 84 -30.33 -19.00 27.51
C THR A 84 -29.61 -18.65 26.22
N GLN A 85 -29.13 -17.41 26.12
CA GLN A 85 -28.32 -17.01 24.98
C GLN A 85 -27.25 -18.03 24.73
N LYS A 86 -26.55 -18.42 25.79
CA LYS A 86 -25.46 -19.39 25.63
C LYS A 86 -26.00 -20.71 25.12
N VAL A 87 -27.14 -21.13 25.65
CA VAL A 87 -27.78 -22.36 25.16
C VAL A 87 -27.96 -22.30 23.65
N PHE A 88 -28.75 -21.31 23.25
CA PHE A 88 -28.96 -20.98 21.86
C PHE A 88 -27.69 -21.06 21.03
N LEU A 89 -26.67 -20.32 21.47
CA LEU A 89 -25.40 -20.26 20.77
C LEU A 89 -24.85 -21.63 20.57
N PHE A 90 -24.87 -22.44 21.62
CA PHE A 90 -24.31 -23.76 21.49
C PHE A 90 -25.09 -24.59 20.49
N ILE A 91 -26.40 -24.40 20.49
CA ILE A 91 -27.25 -25.16 19.60
C ILE A 91 -26.92 -24.81 18.16
N ARG A 92 -26.79 -23.52 17.92
CA ARG A 92 -26.39 -23.03 16.62
C ARG A 92 -25.06 -23.62 16.18
N ASN A 93 -24.06 -23.52 17.05
CA ASN A 93 -22.72 -23.95 16.70
C ASN A 93 -22.66 -25.43 16.45
N ARG A 94 -23.43 -26.17 17.23
CA ARG A 94 -23.38 -27.62 17.13
C ARG A 94 -24.08 -28.09 15.86
N THR A 95 -25.17 -27.43 15.50
CA THR A 95 -25.81 -27.76 14.25
C THR A 95 -24.89 -27.48 13.09
N LEU A 96 -24.43 -26.23 13.03
CA LEU A 96 -23.45 -25.83 12.07
C LEU A 96 -22.45 -26.93 11.91
N GLN A 97 -21.83 -27.28 13.03
CA GLN A 97 -20.81 -28.30 13.07
C GLN A 97 -21.28 -29.55 12.38
N LEU A 98 -22.49 -29.95 12.66
CA LEU A 98 -23.00 -31.19 12.09
C LEU A 98 -23.03 -31.16 10.58
N TRP A 99 -23.65 -30.11 10.06
CA TRP A 99 -23.78 -29.94 8.62
C TRP A 99 -22.40 -29.93 8.01
N LEU A 100 -21.53 -29.13 8.58
CA LEU A 100 -20.17 -28.96 8.07
C LEU A 100 -19.43 -30.27 8.03
N ASP A 101 -19.66 -31.13 9.02
CA ASP A 101 -18.90 -32.37 9.12
C ASP A 101 -19.35 -33.37 8.08
N ASN A 102 -20.43 -33.04 7.40
CA ASN A 102 -20.90 -33.90 6.32
C ASN A 102 -21.94 -33.20 5.49
N PRO A 103 -21.48 -32.39 4.53
CA PRO A 103 -22.35 -31.54 3.75
C PRO A 103 -22.77 -32.17 2.45
N LYS A 104 -22.69 -33.49 2.38
CA LYS A 104 -23.14 -34.18 1.19
C LYS A 104 -24.59 -34.62 1.34
N ILE A 105 -25.10 -34.65 2.57
CA ILE A 105 -26.49 -35.00 2.81
C ILE A 105 -27.26 -33.91 3.55
N GLN A 106 -28.56 -33.90 3.35
CA GLN A 106 -29.42 -32.94 4.02
C GLN A 106 -29.40 -33.18 5.52
N LEU A 107 -29.35 -32.11 6.28
CA LEU A 107 -29.37 -32.25 7.73
C LEU A 107 -30.74 -31.94 8.25
N THR A 108 -31.48 -33.00 8.53
CA THR A 108 -32.85 -32.86 8.99
C THR A 108 -32.88 -32.54 10.44
N PHE A 109 -33.92 -31.82 10.82
CA PHE A 109 -34.20 -31.50 12.20
C PHE A 109 -34.15 -32.73 13.11
N GLU A 110 -34.77 -33.81 12.69
CA GLU A 110 -34.77 -35.05 13.47
C GLU A 110 -33.35 -35.49 13.77
N ALA A 111 -32.52 -35.45 12.75
CA ALA A 111 -31.13 -35.88 12.89
C ALA A 111 -30.41 -34.98 13.88
N THR A 112 -30.60 -33.69 13.70
CA THR A 112 -29.97 -32.68 14.54
C THR A 112 -30.30 -32.92 15.99
N LEU A 113 -31.59 -33.05 16.28
CA LEU A 113 -32.05 -33.29 17.63
C LEU A 113 -31.54 -34.61 18.17
N GLN A 114 -31.49 -35.61 17.31
CA GLN A 114 -31.06 -36.93 17.74
C GLN A 114 -29.63 -36.89 18.22
N GLN A 115 -28.81 -36.05 17.59
CA GLN A 115 -27.41 -35.98 17.96
C GLN A 115 -27.11 -34.93 19.00
N LEU A 116 -28.16 -34.33 19.55
CA LEU A 116 -27.98 -33.33 20.59
C LEU A 116 -28.03 -33.96 21.96
N GLU A 117 -27.31 -33.34 22.90
CA GLU A 117 -27.21 -33.86 24.26
C GLU A 117 -27.90 -32.94 25.25
N ALA A 118 -28.39 -33.54 26.33
CA ALA A 118 -29.00 -32.79 27.41
C ALA A 118 -27.98 -31.81 27.98
N PRO A 119 -28.44 -30.65 28.44
CA PRO A 119 -29.84 -30.22 28.46
C PRO A 119 -30.27 -29.58 27.14
N TYR A 120 -29.37 -29.60 26.17
CA TYR A 120 -29.58 -28.85 24.94
C TYR A 120 -30.63 -29.47 24.05
N ASN A 121 -31.05 -30.68 24.39
CA ASN A 121 -32.11 -31.34 23.65
C ASN A 121 -33.40 -31.41 24.43
N SER A 122 -33.57 -30.47 25.36
CA SER A 122 -34.79 -30.41 26.15
C SER A 122 -35.80 -29.53 25.43
N ASP A 123 -35.46 -28.25 25.27
CA ASP A 123 -36.35 -27.33 24.60
C ASP A 123 -36.32 -27.58 23.12
N THR A 124 -37.14 -28.51 22.67
CA THR A 124 -37.11 -28.93 21.28
C THR A 124 -37.57 -27.86 20.33
N VAL A 125 -38.43 -26.96 20.79
CA VAL A 125 -38.86 -25.88 19.92
C VAL A 125 -37.70 -24.91 19.67
N LEU A 126 -36.77 -24.82 20.60
CA LEU A 126 -35.64 -23.96 20.39
C LEU A 126 -34.76 -24.57 19.33
N VAL A 127 -34.51 -25.86 19.48
CA VAL A 127 -33.74 -26.59 18.49
C VAL A 127 -34.37 -26.43 17.13
N HIS A 128 -35.69 -26.51 17.08
CA HIS A 128 -36.36 -26.41 15.81
C HIS A 128 -36.23 -25.02 15.24
N ARG A 129 -36.43 -24.01 16.08
CA ARG A 129 -36.35 -22.62 15.64
C ARG A 129 -35.01 -22.36 15.00
N VAL A 130 -33.98 -22.83 15.68
CA VAL A 130 -32.62 -22.69 15.20
C VAL A 130 -32.45 -23.41 13.87
N HIS A 131 -32.66 -24.72 13.86
CA HIS A 131 -32.52 -25.52 12.65
C HIS A 131 -33.14 -24.85 11.47
N SER A 132 -34.34 -24.32 11.65
CA SER A 132 -35.02 -23.68 10.54
C SER A 132 -34.34 -22.38 10.14
N TYR A 133 -33.98 -21.55 11.11
CA TYR A 133 -33.28 -20.31 10.83
C TYR A 133 -32.04 -20.57 9.98
N LEU A 134 -31.29 -21.58 10.35
CA LEU A 134 -30.09 -21.95 9.61
C LEU A 134 -30.41 -22.42 8.22
N GLU A 135 -31.38 -23.33 8.11
CA GLU A 135 -31.73 -23.87 6.80
C GLU A 135 -32.18 -22.77 5.85
N ARG A 136 -32.81 -21.77 6.43
CA ARG A 136 -33.46 -20.71 5.70
C ARG A 136 -32.43 -19.83 5.06
N HIS A 137 -31.48 -19.38 5.83
CA HIS A 137 -30.46 -18.50 5.28
C HIS A 137 -29.25 -19.28 4.80
N GLY A 138 -29.47 -20.55 4.49
CA GLY A 138 -28.49 -21.40 3.87
C GLY A 138 -27.15 -21.40 4.54
N LEU A 139 -27.15 -21.41 5.87
CA LEU A 139 -25.93 -21.69 6.60
C LEU A 139 -25.82 -23.19 6.68
N ILE A 140 -26.90 -23.88 6.36
CA ILE A 140 -26.87 -25.32 6.24
C ILE A 140 -27.78 -25.75 5.12
N ASN A 141 -27.63 -27.01 4.72
CA ASN A 141 -28.37 -27.57 3.62
C ASN A 141 -28.44 -26.55 2.50
N PHE A 142 -27.26 -26.18 2.02
CA PHE A 142 -27.12 -25.33 0.85
C PHE A 142 -26.12 -25.98 -0.07
N GLY A 143 -26.26 -25.70 -1.36
CA GLY A 143 -25.40 -26.28 -2.36
C GLY A 143 -26.00 -27.50 -3.01
N ILE A 144 -25.26 -28.60 -3.01
CA ILE A 144 -25.70 -29.82 -3.64
C ILE A 144 -25.70 -31.00 -2.69
N TYR A 145 -26.85 -31.28 -2.10
CA TYR A 145 -26.94 -32.31 -1.09
C TYR A 145 -28.01 -33.31 -1.49
N LYS A 146 -27.73 -34.59 -1.22
CA LYS A 146 -28.74 -35.62 -1.38
C LYS A 146 -29.89 -35.34 -0.45
N ARG A 147 -31.05 -35.11 -1.02
CA ARG A 147 -32.20 -34.68 -0.25
C ARG A 147 -32.85 -35.82 0.52
N ILE A 148 -32.90 -35.72 1.84
CA ILE A 148 -33.54 -36.75 2.63
C ILE A 148 -35.03 -36.74 2.42
N LYS A 149 -35.67 -35.63 2.80
CA LYS A 149 -37.08 -35.43 2.55
C LYS A 149 -37.29 -34.97 1.11
N PRO A 150 -37.75 -35.87 0.23
CA PRO A 150 -37.86 -35.54 -1.19
C PRO A 150 -38.70 -34.28 -1.39
N LEU A 151 -38.35 -33.50 -2.41
CA LEU A 151 -38.96 -32.21 -2.67
C LEU A 151 -40.48 -32.24 -2.59
N PRO A 152 -41.08 -31.15 -2.05
CA PRO A 152 -42.52 -30.98 -1.91
C PRO A 152 -43.29 -31.27 -3.19
N THR A 153 -44.40 -31.98 -3.06
CA THR A 153 -45.19 -32.43 -4.20
C THR A 153 -45.74 -31.26 -5.02
N LYS A 154 -46.17 -30.21 -4.34
CA LYS A 154 -46.79 -29.08 -5.01
C LYS A 154 -46.18 -27.76 -4.59
N LYS A 155 -45.73 -27.00 -5.57
CA LYS A 155 -44.95 -25.81 -5.32
C LYS A 155 -45.81 -24.64 -4.85
N THR A 156 -45.16 -23.54 -4.53
CA THR A 156 -45.83 -22.40 -3.93
C THR A 156 -45.15 -21.13 -4.38
N GLY A 157 -45.91 -20.18 -4.94
CA GLY A 157 -45.34 -18.93 -5.40
C GLY A 157 -44.40 -19.04 -6.59
N LYS A 158 -44.23 -17.98 -7.36
CA LYS A 158 -43.42 -18.08 -8.56
C LYS A 158 -42.36 -17.03 -8.70
N VAL A 159 -41.13 -17.49 -8.88
CA VAL A 159 -40.00 -16.57 -8.94
C VAL A 159 -39.19 -16.68 -10.20
N ILE A 160 -39.05 -15.54 -10.84
CA ILE A 160 -38.27 -15.45 -12.04
C ILE A 160 -36.96 -14.86 -11.64
N ILE A 161 -35.89 -15.53 -12.07
CA ILE A 161 -34.53 -15.17 -11.71
C ILE A 161 -33.76 -14.75 -12.93
N ILE A 162 -33.34 -13.49 -12.95
CA ILE A 162 -32.59 -12.99 -14.07
C ILE A 162 -31.12 -13.29 -13.98
N GLY A 163 -30.66 -14.14 -14.88
CA GLY A 163 -29.26 -14.45 -14.99
C GLY A 163 -28.97 -15.69 -14.21
N SER A 164 -28.19 -16.58 -14.79
CA SER A 164 -27.85 -17.79 -14.07
C SER A 164 -26.36 -17.79 -13.79
N GLY A 165 -25.84 -16.61 -13.48
CA GLY A 165 -24.52 -16.50 -12.91
C GLY A 165 -24.56 -17.19 -11.57
N VAL A 166 -23.49 -17.09 -10.80
CA VAL A 166 -23.43 -17.94 -9.62
C VAL A 166 -24.47 -17.55 -8.60
N SER A 167 -24.57 -16.27 -8.29
CA SER A 167 -25.57 -15.79 -7.36
C SER A 167 -26.92 -16.36 -7.75
N GLY A 168 -27.28 -16.15 -9.01
CA GLY A 168 -28.47 -16.75 -9.58
C GLY A 168 -28.66 -18.22 -9.22
N LEU A 169 -27.77 -19.06 -9.71
CA LEU A 169 -27.85 -20.49 -9.48
C LEU A 169 -28.06 -20.84 -8.04
N ALA A 170 -27.37 -20.14 -7.18
CA ALA A 170 -27.36 -20.45 -5.76
C ALA A 170 -28.72 -20.20 -5.17
N ALA A 171 -29.19 -18.95 -5.29
CA ALA A 171 -30.54 -18.63 -4.88
C ALA A 171 -31.54 -19.63 -5.44
N ALA A 172 -31.60 -19.78 -6.76
CA ALA A 172 -32.51 -20.72 -7.40
C ALA A 172 -32.50 -22.10 -6.76
N ARG A 173 -31.33 -22.67 -6.53
CA ARG A 173 -31.28 -23.95 -5.87
C ARG A 173 -31.90 -23.89 -4.50
N GLN A 174 -31.76 -22.76 -3.83
CA GLN A 174 -32.32 -22.65 -2.49
C GLN A 174 -33.84 -22.53 -2.55
N LEU A 175 -34.33 -21.61 -3.36
CA LEU A 175 -35.76 -21.40 -3.56
C LEU A 175 -36.45 -22.66 -4.00
N GLN A 176 -35.83 -23.37 -4.91
CA GLN A 176 -36.36 -24.65 -5.25
C GLN A 176 -36.32 -25.58 -4.06
N SER A 177 -35.26 -25.46 -3.27
CA SER A 177 -35.12 -26.34 -2.12
C SER A 177 -36.27 -26.10 -1.17
N PHE A 178 -36.75 -24.85 -1.12
CA PHE A 178 -37.79 -24.43 -0.20
C PHE A 178 -39.15 -24.64 -0.78
N GLY A 179 -39.19 -25.18 -1.98
CA GLY A 179 -40.44 -25.54 -2.63
C GLY A 179 -41.15 -24.45 -3.43
N MET A 180 -40.43 -23.53 -4.04
CA MET A 180 -41.10 -22.59 -4.91
C MET A 180 -40.94 -22.96 -6.35
N ASP A 181 -41.60 -22.22 -7.22
CA ASP A 181 -41.43 -22.43 -8.63
C ASP A 181 -40.41 -21.42 -9.11
N VAL A 182 -39.23 -21.92 -9.43
CA VAL A 182 -38.16 -21.05 -9.85
C VAL A 182 -37.84 -21.33 -11.28
N THR A 183 -37.56 -20.26 -12.01
CA THR A 183 -37.04 -20.38 -13.36
C THR A 183 -36.05 -19.26 -13.62
N LEU A 184 -34.97 -19.62 -14.31
CA LEU A 184 -33.83 -18.75 -14.55
C LEU A 184 -33.68 -18.29 -16.01
N LEU A 185 -33.32 -17.03 -16.22
CA LEU A 185 -33.22 -16.48 -17.56
C LEU A 185 -31.84 -16.05 -18.02
N GLU A 186 -31.11 -16.95 -18.68
CA GLU A 186 -29.75 -16.62 -19.02
C GLU A 186 -29.66 -16.12 -20.44
N ALA A 187 -29.17 -14.89 -20.59
CA ALA A 187 -28.86 -14.33 -21.89
C ALA A 187 -27.92 -15.25 -22.65
N ARG A 188 -26.92 -15.78 -21.97
CA ARG A 188 -25.89 -16.56 -22.65
C ARG A 188 -26.42 -17.89 -23.14
N ASP A 189 -25.52 -18.69 -23.70
CA ASP A 189 -25.83 -20.06 -24.07
C ASP A 189 -25.15 -20.98 -23.10
N ARG A 190 -24.81 -20.45 -21.94
CA ARG A 190 -24.19 -21.23 -20.89
C ARG A 190 -24.37 -20.53 -19.57
N VAL A 191 -24.10 -21.29 -18.53
CA VAL A 191 -24.28 -20.84 -17.17
C VAL A 191 -23.06 -20.07 -16.67
N GLY A 192 -22.96 -19.84 -15.37
CA GLY A 192 -21.74 -19.32 -14.81
C GLY A 192 -21.59 -17.83 -14.88
N GLY A 193 -21.98 -17.23 -15.99
CA GLY A 193 -21.69 -15.82 -16.14
C GLY A 193 -20.20 -15.62 -16.01
N ARG A 194 -19.77 -14.68 -15.20
CA ARG A 194 -18.35 -14.40 -15.03
C ARG A 194 -17.53 -15.56 -14.46
N VAL A 195 -18.05 -16.77 -14.54
CA VAL A 195 -17.26 -17.97 -14.26
C VAL A 195 -17.22 -18.74 -15.55
N ALA A 196 -16.12 -18.61 -16.26
CA ALA A 196 -16.08 -19.06 -17.63
C ALA A 196 -14.84 -19.88 -17.84
N THR A 197 -15.00 -21.05 -18.41
CA THR A 197 -13.89 -21.96 -18.61
C THR A 197 -13.73 -22.35 -20.07
N PHE A 198 -12.55 -22.10 -20.63
CA PHE A 198 -12.22 -22.55 -21.97
C PHE A 198 -11.83 -24.01 -21.91
N ARG A 199 -12.32 -24.82 -22.84
CA ARG A 199 -11.85 -26.19 -22.99
C ARG A 199 -11.77 -26.60 -24.44
N LYS A 200 -10.62 -27.15 -24.81
CA LYS A 200 -10.44 -27.73 -26.12
C LYS A 200 -9.46 -28.89 -25.93
N GLY A 201 -9.91 -30.11 -26.20
CA GLY A 201 -9.12 -31.27 -25.88
C GLY A 201 -8.82 -31.30 -24.40
N ASN A 202 -7.55 -31.42 -24.05
CA ASN A 202 -7.15 -31.41 -22.64
C ASN A 202 -6.78 -30.01 -22.18
N TYR A 203 -6.73 -29.08 -23.11
CA TYR A 203 -6.52 -27.68 -22.77
C TYR A 203 -7.71 -27.15 -22.01
N VAL A 204 -7.47 -26.59 -20.83
CA VAL A 204 -8.55 -26.12 -19.97
C VAL A 204 -8.12 -24.88 -19.20
N ALA A 205 -8.85 -23.78 -19.33
CA ALA A 205 -8.35 -22.54 -18.75
C ALA A 205 -9.40 -21.49 -18.45
N ASP A 206 -9.42 -20.99 -17.23
CA ASP A 206 -10.46 -20.07 -16.82
C ASP A 206 -10.25 -18.66 -17.27
N LEU A 207 -11.20 -18.15 -18.05
CA LEU A 207 -11.18 -16.75 -18.42
C LEU A 207 -11.97 -15.91 -17.45
N GLY A 208 -12.59 -16.59 -16.50
CA GLY A 208 -13.42 -15.92 -15.52
C GLY A 208 -12.71 -16.00 -14.21
N ALA A 209 -13.43 -16.39 -13.18
CA ALA A 209 -12.80 -16.60 -11.90
C ALA A 209 -11.86 -17.75 -11.97
N MET A 210 -10.92 -17.79 -11.04
CA MET A 210 -9.84 -18.78 -11.10
C MET A 210 -9.26 -19.14 -9.75
N VAL A 211 -9.40 -18.25 -8.77
CA VAL A 211 -8.75 -18.41 -7.48
C VAL A 211 -9.71 -18.55 -6.31
N VAL A 212 -9.39 -19.44 -5.39
CA VAL A 212 -10.18 -19.56 -4.18
C VAL A 212 -9.50 -18.85 -3.02
N THR A 213 -9.84 -17.61 -2.77
CA THR A 213 -9.03 -16.81 -1.86
C THR A 213 -9.09 -17.31 -0.42
N GLY A 214 -8.74 -18.58 -0.20
CA GLY A 214 -8.53 -19.15 1.13
C GLY A 214 -9.74 -19.89 1.66
N LEU A 215 -9.55 -20.98 2.40
CA LEU A 215 -10.70 -21.79 2.85
C LEU A 215 -11.26 -21.53 4.26
N GLY A 216 -10.64 -20.63 5.00
CA GLY A 216 -11.07 -20.41 6.36
C GLY A 216 -12.31 -19.58 6.40
N GLY A 217 -13.47 -20.22 6.41
CA GLY A 217 -14.72 -19.50 6.48
C GLY A 217 -15.27 -19.27 5.10
N ASN A 218 -14.74 -20.02 4.14
CA ASN A 218 -15.19 -19.92 2.77
C ASN A 218 -16.25 -20.97 2.45
N PRO A 219 -17.47 -20.52 2.14
CA PRO A 219 -18.54 -21.43 1.73
C PRO A 219 -18.07 -22.39 0.65
N MET A 220 -17.20 -21.87 -0.19
CA MET A 220 -16.70 -22.63 -1.30
C MET A 220 -16.01 -23.88 -0.83
N ALA A 221 -15.53 -23.87 0.42
CA ALA A 221 -15.03 -25.08 1.06
C ALA A 221 -16.05 -26.17 0.95
N VAL A 222 -17.21 -25.87 1.52
CA VAL A 222 -18.35 -26.79 1.49
C VAL A 222 -18.61 -27.24 0.08
N VAL A 223 -18.79 -26.26 -0.82
CA VAL A 223 -19.06 -26.61 -2.21
C VAL A 223 -18.06 -27.60 -2.76
N SER A 224 -16.80 -27.40 -2.43
CA SER A 224 -15.71 -28.25 -2.89
C SER A 224 -15.83 -29.64 -2.33
N LYS A 225 -16.38 -29.72 -1.12
CA LYS A 225 -16.58 -31.02 -0.53
C LYS A 225 -17.66 -31.70 -1.33
N GLN A 226 -18.60 -30.89 -1.80
CA GLN A 226 -19.74 -31.39 -2.58
C GLN A 226 -19.37 -31.65 -4.04
N VAL A 227 -18.59 -30.76 -4.63
CA VAL A 227 -18.25 -30.87 -6.04
C VAL A 227 -16.82 -31.30 -6.26
N ASN A 228 -16.61 -32.21 -7.20
CA ASN A 228 -15.26 -32.60 -7.53
C ASN A 228 -14.49 -31.42 -8.10
N MET A 229 -13.76 -30.72 -7.26
CA MET A 229 -12.86 -29.70 -7.77
C MET A 229 -11.42 -30.09 -7.49
N GLU A 230 -10.60 -30.05 -8.53
CA GLU A 230 -9.18 -30.24 -8.36
C GLU A 230 -8.57 -28.90 -7.98
N LEU A 231 -8.48 -28.68 -6.68
CA LEU A 231 -7.86 -27.49 -6.12
C LEU A 231 -6.35 -27.64 -6.02
N ALA A 232 -5.60 -26.57 -6.26
CA ALA A 232 -4.15 -26.65 -6.16
C ALA A 232 -3.58 -25.38 -5.56
N LYS A 233 -2.55 -25.50 -4.73
CA LYS A 233 -1.98 -24.34 -4.05
C LYS A 233 -1.25 -23.42 -5.03
N ILE A 234 -1.07 -22.17 -4.64
CA ILE A 234 -0.37 -21.23 -5.48
C ILE A 234 0.96 -20.84 -4.87
N LYS A 235 2.04 -21.28 -5.51
CA LYS A 235 3.38 -20.96 -5.03
C LYS A 235 3.64 -19.47 -5.16
N GLN A 236 3.66 -18.79 -4.02
CA GLN A 236 3.69 -17.34 -3.95
C GLN A 236 4.89 -16.67 -4.64
N LYS A 237 5.94 -17.42 -4.93
CA LYS A 237 7.15 -16.79 -5.44
C LYS A 237 6.97 -16.33 -6.86
N CYS A 238 7.37 -15.09 -7.10
CA CYS A 238 7.16 -14.47 -8.39
C CYS A 238 8.35 -13.64 -8.81
N PRO A 239 9.21 -14.21 -9.65
CA PRO A 239 10.33 -13.50 -10.27
C PRO A 239 9.86 -12.35 -11.15
N LEU A 240 10.65 -11.29 -11.29
CA LEU A 240 10.32 -10.21 -12.22
C LEU A 240 11.34 -10.14 -13.32
N TYR A 241 10.96 -9.57 -14.46
CA TYR A 241 11.85 -9.52 -15.61
C TYR A 241 11.67 -8.20 -16.27
N GLU A 242 12.71 -7.39 -16.27
CA GLU A 242 12.58 -6.08 -16.87
C GLU A 242 12.29 -6.22 -18.34
N ALA A 243 12.06 -5.09 -18.98
CA ALA A 243 11.61 -5.08 -20.35
C ALA A 243 12.53 -5.87 -21.27
N ASN A 244 13.81 -5.94 -20.90
CA ASN A 244 14.84 -6.54 -21.74
C ASN A 244 14.85 -8.06 -21.73
N GLY A 245 14.44 -8.66 -20.62
CA GLY A 245 14.44 -10.10 -20.48
C GLY A 245 15.39 -10.53 -19.39
N GLN A 246 16.03 -9.54 -18.78
CA GLN A 246 16.93 -9.80 -17.67
C GLN A 246 16.12 -9.85 -16.39
N ALA A 247 16.31 -10.92 -15.62
CA ALA A 247 15.64 -11.06 -14.36
C ALA A 247 15.99 -9.89 -13.45
N VAL A 248 15.11 -9.56 -12.52
CA VAL A 248 15.41 -8.51 -11.59
C VAL A 248 16.08 -9.13 -10.38
N PRO A 249 17.22 -8.56 -9.98
CA PRO A 249 18.02 -9.00 -8.84
C PRO A 249 17.25 -8.94 -7.53
N LYS A 250 17.42 -9.97 -6.72
CA LYS A 250 16.72 -10.11 -5.44
C LYS A 250 16.82 -8.85 -4.57
N GLU A 251 17.98 -8.21 -4.59
CA GLU A 251 18.17 -6.93 -3.93
C GLU A 251 17.08 -5.96 -4.34
N LYS A 252 17.09 -5.65 -5.63
CA LYS A 252 16.12 -4.76 -6.22
C LYS A 252 14.73 -5.21 -5.85
N ASP A 253 14.42 -6.45 -6.18
CA ASP A 253 13.10 -7.04 -5.95
C ASP A 253 12.57 -6.66 -4.57
N GLU A 254 13.28 -7.09 -3.54
CA GLU A 254 12.83 -6.91 -2.18
C GLU A 254 12.80 -5.46 -1.74
N MET A 255 13.76 -4.66 -2.22
CA MET A 255 13.81 -3.28 -1.80
C MET A 255 12.59 -2.55 -2.30
N VAL A 256 12.33 -2.73 -3.58
CA VAL A 256 11.18 -2.11 -4.22
C VAL A 256 9.90 -2.56 -3.56
N GLU A 257 9.66 -3.87 -3.54
CA GLU A 257 8.50 -4.44 -2.88
C GLU A 257 8.26 -3.79 -1.52
N GLN A 258 9.30 -3.76 -0.69
CA GLN A 258 9.17 -3.17 0.63
C GLN A 258 8.75 -1.70 0.56
N GLU A 259 9.36 -0.94 -0.33
CA GLU A 259 9.06 0.48 -0.39
C GLU A 259 7.63 0.67 -0.81
N PHE A 260 7.17 -0.27 -1.63
CA PHE A 260 5.80 -0.31 -2.10
C PHE A 260 4.87 -0.43 -0.90
N ASN A 261 4.99 -1.54 -0.19
CA ASN A 261 4.15 -1.75 1.00
C ASN A 261 4.18 -0.55 1.92
N ARG A 262 5.35 0.03 2.05
CA ARG A 262 5.49 1.17 2.91
C ARG A 262 4.72 2.34 2.35
N LEU A 263 4.69 2.45 1.04
CA LEU A 263 3.94 3.51 0.41
C LEU A 263 2.47 3.33 0.72
N LEU A 264 1.97 2.13 0.50
CA LEU A 264 0.59 1.81 0.82
C LEU A 264 0.22 2.20 2.23
N GLU A 265 0.94 1.62 3.18
CA GLU A 265 0.74 1.92 4.58
C GLU A 265 0.72 3.42 4.75
N ALA A 266 1.61 4.12 4.07
CA ALA A 266 1.64 5.56 4.13
C ALA A 266 0.30 6.13 3.74
N THR A 267 -0.25 5.69 2.62
CA THR A 267 -1.53 6.22 2.15
C THR A 267 -2.61 5.98 3.17
N SER A 268 -2.62 4.78 3.73
CA SER A 268 -3.57 4.45 4.76
C SER A 268 -3.47 5.43 5.91
N TYR A 269 -2.25 5.66 6.37
CA TYR A 269 -2.01 6.61 7.44
C TYR A 269 -2.53 7.97 7.04
N LEU A 270 -2.29 8.36 5.80
CA LEU A 270 -2.79 9.61 5.29
C LEU A 270 -4.27 9.69 5.47
N SER A 271 -4.89 8.56 5.18
CA SER A 271 -6.32 8.45 5.05
C SER A 271 -6.97 8.56 6.40
N HIS A 272 -6.68 7.60 7.26
CA HIS A 272 -7.42 7.45 8.49
C HIS A 272 -6.88 8.37 9.57
N GLN A 273 -5.56 8.44 9.69
CA GLN A 273 -4.94 9.19 10.77
C GLN A 273 -4.94 10.70 10.52
N LEU A 274 -5.01 11.10 9.25
CA LEU A 274 -4.89 12.51 8.91
C LEU A 274 -6.17 13.05 8.29
N ASP A 275 -7.12 12.16 8.05
CA ASP A 275 -8.38 12.53 7.43
C ASP A 275 -8.15 13.26 6.11
N PHE A 276 -7.12 12.81 5.40
CA PHE A 276 -6.87 13.24 4.03
C PHE A 276 -7.85 12.50 3.14
N ASN A 277 -9.04 13.04 2.93
CA ASN A 277 -10.02 12.33 2.13
C ASN A 277 -10.80 13.22 1.16
N VAL A 278 -10.49 14.51 1.14
CA VAL A 278 -11.09 15.43 0.17
C VAL A 278 -10.17 16.58 -0.24
N LEU A 279 -9.45 16.41 -1.34
CA LEU A 279 -8.54 17.45 -1.83
C LEU A 279 -9.34 18.66 -2.28
N ASN A 280 -9.83 18.62 -3.50
CA ASN A 280 -10.75 19.65 -3.98
C ASN A 280 -12.09 19.43 -3.31
N ASN A 281 -13.16 19.55 -4.06
CA ASN A 281 -14.46 19.10 -3.57
C ASN A 281 -14.60 17.64 -3.95
N LYS A 282 -13.71 17.20 -4.84
CA LYS A 282 -13.64 15.81 -5.23
C LYS A 282 -13.13 14.98 -4.08
N PRO A 283 -13.55 13.71 -4.02
CA PRO A 283 -12.94 12.80 -3.07
C PRO A 283 -11.57 12.38 -3.57
N VAL A 284 -10.77 11.81 -2.69
CA VAL A 284 -9.42 11.46 -3.05
C VAL A 284 -9.34 10.01 -3.39
N SER A 285 -8.53 9.70 -4.39
CA SER A 285 -8.37 8.33 -4.79
C SER A 285 -7.04 7.82 -4.33
N LEU A 286 -6.93 6.51 -4.24
CA LEU A 286 -5.71 5.85 -3.86
C LEU A 286 -4.58 6.33 -4.74
N GLY A 287 -4.83 6.38 -6.04
CA GLY A 287 -3.89 6.95 -6.97
C GLY A 287 -3.29 8.27 -6.54
N GLN A 288 -4.09 9.30 -6.41
CA GLN A 288 -3.57 10.58 -5.98
C GLN A 288 -2.81 10.48 -4.66
N ALA A 289 -3.29 9.66 -3.73
CA ALA A 289 -2.64 9.55 -2.45
C ALA A 289 -1.25 9.02 -2.63
N LEU A 290 -1.11 7.90 -3.32
CA LEU A 290 0.22 7.38 -3.62
C LEU A 290 1.08 8.42 -4.28
N GLU A 291 0.53 9.13 -5.24
CA GLU A 291 1.37 10.09 -5.92
C GLU A 291 1.90 11.12 -4.94
N VAL A 292 1.06 11.56 -4.02
CA VAL A 292 1.50 12.56 -3.08
C VAL A 292 2.56 12.03 -2.16
N VAL A 293 2.29 10.89 -1.55
CA VAL A 293 3.28 10.24 -0.71
C VAL A 293 4.62 10.19 -1.45
N ILE A 294 4.62 9.71 -2.67
CA ILE A 294 5.85 9.62 -3.43
C ILE A 294 6.51 10.97 -3.61
N GLN A 295 5.73 11.97 -3.99
CA GLN A 295 6.34 13.27 -4.19
C GLN A 295 6.98 13.76 -2.91
N LEU A 296 6.36 13.47 -1.78
CA LEU A 296 6.95 13.85 -0.52
C LEU A 296 8.23 13.10 -0.26
N GLN A 297 8.31 11.87 -0.72
CA GLN A 297 9.57 11.16 -0.60
C GLN A 297 10.66 11.83 -1.40
N GLU A 298 10.37 12.16 -2.65
CA GLU A 298 11.40 12.81 -3.44
C GLU A 298 11.81 14.13 -2.83
N LYS A 299 10.83 14.91 -2.40
CA LYS A 299 11.14 16.17 -1.76
C LYS A 299 12.01 15.99 -0.53
N HIS A 300 11.62 15.08 0.34
CA HIS A 300 12.40 14.82 1.53
C HIS A 300 13.84 14.50 1.14
N VAL A 301 14.02 13.63 0.15
CA VAL A 301 15.38 13.31 -0.33
C VAL A 301 16.16 14.57 -0.66
N LYS A 302 15.55 15.43 -1.48
CA LYS A 302 16.21 16.68 -1.83
C LYS A 302 16.56 17.52 -0.61
N ASP A 303 15.68 17.54 0.37
CA ASP A 303 15.97 18.27 1.60
C ASP A 303 17.21 17.72 2.29
N GLU A 304 17.30 16.40 2.37
CA GLU A 304 18.45 15.78 3.00
C GLU A 304 19.72 16.21 2.32
N GLN A 305 19.76 16.01 1.01
CA GLN A 305 20.93 16.41 0.26
C GLN A 305 21.29 17.85 0.55
N ILE A 306 20.31 18.73 0.49
CA ILE A 306 20.59 20.14 0.69
C ILE A 306 21.18 20.43 2.06
N GLU A 307 20.59 19.88 3.11
CA GLU A 307 21.10 20.08 4.46
C GLU A 307 22.57 19.66 4.51
N HIS A 308 22.86 18.49 3.98
CA HIS A 308 24.21 17.94 3.98
C HIS A 308 25.21 18.85 3.27
N TRP A 309 24.94 19.20 2.02
CA TRP A 309 25.84 20.09 1.29
C TRP A 309 25.99 21.41 2.00
N LYS A 310 24.96 21.87 2.70
CA LYS A 310 25.10 23.12 3.43
C LYS A 310 25.98 22.99 4.66
N LYS A 311 25.95 21.82 5.29
CA LYS A 311 26.88 21.56 6.39
C LYS A 311 28.27 21.72 5.84
N ILE A 312 28.51 21.04 4.72
CA ILE A 312 29.81 21.11 4.09
C ILE A 312 30.19 22.57 3.82
N VAL A 313 29.27 23.36 3.27
CA VAL A 313 29.58 24.77 3.04
C VAL A 313 30.01 25.49 4.30
N LYS A 314 29.21 25.37 5.35
CA LYS A 314 29.52 26.09 6.59
C LYS A 314 30.92 25.75 7.05
N THR A 315 31.22 24.46 7.05
CA THR A 315 32.54 24.00 7.46
C THR A 315 33.63 24.60 6.57
N GLN A 316 33.43 24.52 5.26
CA GLN A 316 34.38 25.13 4.33
C GLN A 316 34.64 26.59 4.69
N GLU A 317 33.59 27.34 5.01
CA GLU A 317 33.78 28.73 5.36
C GLU A 317 34.54 28.92 6.66
N GLU A 318 34.33 28.03 7.61
CA GLU A 318 35.12 28.07 8.83
C GLU A 318 36.58 27.95 8.45
N LEU A 319 36.86 26.93 7.65
CA LEU A 319 38.21 26.72 7.15
C LEU A 319 38.76 27.97 6.51
N LYS A 320 37.94 28.65 5.72
CA LYS A 320 38.35 29.88 5.06
C LYS A 320 38.82 30.90 6.08
N GLU A 321 37.96 31.22 7.03
CA GLU A 321 38.33 32.23 8.01
C GLU A 321 39.56 31.82 8.79
N LEU A 322 39.65 30.53 9.06
CA LEU A 322 40.84 29.98 9.69
C LEU A 322 42.09 30.30 8.89
N LEU A 323 42.08 29.92 7.63
CA LEU A 323 43.20 30.16 6.76
C LEU A 323 43.57 31.61 6.76
N ASN A 324 42.62 32.50 6.54
CA ASN A 324 42.92 33.93 6.60
C ASN A 324 43.67 34.29 7.86
N LYS A 325 43.18 33.78 8.97
CA LYS A 325 43.83 34.04 10.24
C LYS A 325 45.28 33.59 10.15
N MET A 326 45.48 32.35 9.76
CA MET A 326 46.80 31.77 9.70
C MET A 326 47.76 32.51 8.78
N VAL A 327 47.23 33.05 7.69
CA VAL A 327 48.09 33.75 6.76
C VAL A 327 48.54 35.07 7.37
N ASN A 328 47.61 35.84 7.92
CA ASN A 328 48.02 37.11 8.53
C ASN A 328 48.99 36.87 9.67
N LEU A 329 48.76 35.78 10.38
CA LEU A 329 49.65 35.37 11.43
C LEU A 329 51.05 35.11 10.90
N LYS A 330 51.16 34.37 9.79
CA LYS A 330 52.49 34.11 9.25
C LYS A 330 53.15 35.39 8.80
N GLU A 331 52.37 36.35 8.32
CA GLU A 331 52.99 37.62 7.94
C GLU A 331 53.59 38.29 9.15
N LYS A 332 52.79 38.40 10.20
CA LYS A 332 53.29 39.01 11.43
C LYS A 332 54.50 38.27 11.96
N ILE A 333 54.51 36.95 11.83
CA ILE A 333 55.63 36.17 12.31
C ILE A 333 56.85 36.42 11.47
N LYS A 334 56.67 36.58 10.17
CA LYS A 334 57.78 36.91 9.29
C LYS A 334 58.41 38.25 9.70
N GLU A 335 57.58 39.27 9.82
CA GLU A 335 58.06 40.59 10.21
C GLU A 335 58.73 40.59 11.57
N LEU A 336 58.10 39.94 12.55
CA LEU A 336 58.72 39.80 13.85
C LEU A 336 60.10 39.19 13.71
N HIS A 337 60.18 38.02 13.09
CA HIS A 337 61.45 37.33 12.91
C HIS A 337 62.52 38.24 12.36
N GLN A 338 62.14 39.01 11.36
CA GLN A 338 63.06 39.98 10.81
C GLN A 338 63.56 40.94 11.86
N GLN A 339 62.62 41.56 12.56
CA GLN A 339 62.99 42.50 13.59
C GLN A 339 63.90 41.89 14.67
N TYR A 340 63.64 40.64 15.04
CA TYR A 340 64.45 39.96 16.03
C TYR A 340 65.84 39.81 15.53
N LYS A 341 65.98 39.42 14.27
CA LYS A 341 67.31 39.29 13.70
C LYS A 341 68.05 40.63 13.74
N GLU A 342 67.37 41.67 13.28
CA GLU A 342 67.95 43.02 13.33
C GLU A 342 68.32 43.47 14.72
N ALA A 343 67.67 42.95 15.74
CA ALA A 343 68.00 43.36 17.09
C ALA A 343 69.12 42.51 17.59
N SER A 344 69.26 41.31 17.03
CA SER A 344 70.35 40.44 17.41
C SER A 344 71.65 40.93 16.79
N GLU A 345 71.53 41.69 15.71
CA GLU A 345 72.70 42.23 15.03
C GLU A 345 73.51 43.09 15.97
N VAL A 346 72.82 43.85 16.82
CA VAL A 346 73.51 44.73 17.75
C VAL A 346 74.31 43.91 18.74
N LYS A 347 75.60 43.81 18.50
CA LYS A 347 76.46 42.95 19.28
C LYS A 347 76.76 43.54 20.66
N PRO A 348 76.81 42.68 21.68
CA PRO A 348 77.17 43.02 23.06
C PRO A 348 78.51 43.72 23.13
N PRO A 349 78.76 44.48 24.22
CA PRO A 349 77.87 44.72 25.34
C PRO A 349 76.82 45.70 24.91
N ARG A 350 75.65 45.66 25.54
CA ARG A 350 74.61 46.56 25.12
C ARG A 350 73.87 47.00 26.33
N ASP A 351 73.37 48.22 26.31
CA ASP A 351 72.62 48.68 27.46
C ASP A 351 71.35 47.92 27.51
N ILE A 352 70.66 48.05 28.64
CA ILE A 352 69.62 47.10 28.93
C ILE A 352 68.39 47.28 28.06
N THR A 353 68.16 48.47 27.53
CA THR A 353 67.01 48.65 26.67
C THR A 353 67.14 47.70 25.50
N ALA A 354 68.33 47.69 24.89
CA ALA A 354 68.61 46.83 23.76
C ALA A 354 68.42 45.37 24.10
N GLU A 355 68.97 44.95 25.23
CA GLU A 355 68.81 43.57 25.65
C GLU A 355 67.33 43.24 25.81
N PHE A 356 66.59 44.22 26.33
CA PHE A 356 65.16 44.06 26.54
C PHE A 356 64.46 43.91 25.22
N LEU A 357 64.99 44.57 24.20
CA LEU A 357 64.38 44.54 22.90
C LEU A 357 64.54 43.17 22.27
N VAL A 358 65.74 42.62 22.36
CA VAL A 358 65.92 41.27 21.83
C VAL A 358 65.04 40.30 22.58
N LYS A 359 65.15 40.28 23.90
CA LYS A 359 64.38 39.35 24.69
C LYS A 359 62.88 39.49 24.36
N SER A 360 62.45 40.73 24.25
CA SER A 360 61.08 41.05 23.95
C SER A 360 60.65 40.41 22.66
N LYS A 361 61.32 40.75 21.56
CA LYS A 361 60.91 40.22 20.27
C LYS A 361 60.97 38.72 20.27
N HIS A 362 61.88 38.15 21.05
CA HIS A 362 61.96 36.71 21.07
C HIS A 362 60.75 36.12 21.72
N ARG A 363 60.35 36.71 22.83
CA ARG A 363 59.14 36.30 23.52
C ARG A 363 57.94 36.39 22.59
N ASP A 364 57.72 37.58 22.02
CA ASP A 364 56.61 37.81 21.12
C ASP A 364 56.60 36.82 19.96
N LEU A 365 57.77 36.53 19.44
CA LEU A 365 57.85 35.63 18.30
C LEU A 365 57.52 34.21 18.66
N THR A 366 58.01 33.76 19.80
CA THR A 366 57.72 32.41 20.25
C THR A 366 56.23 32.29 20.51
N ALA A 367 55.66 33.37 21.04
CA ALA A 367 54.21 33.46 21.24
C ALA A 367 53.46 33.23 19.93
N LEU A 368 53.67 34.11 18.96
CA LEU A 368 52.92 33.99 17.72
C LEU A 368 53.17 32.64 17.06
N CYS A 369 54.36 32.09 17.21
CA CYS A 369 54.61 30.76 16.68
C CYS A 369 53.69 29.75 17.35
N LYS A 370 53.56 29.87 18.66
CA LYS A 370 52.65 29.01 19.40
C LYS A 370 51.26 29.08 18.81
N GLU A 371 50.70 30.29 18.87
CA GLU A 371 49.36 30.57 18.34
C GLU A 371 49.15 29.91 16.98
N TYR A 372 50.12 30.12 16.09
CA TYR A 372 50.05 29.54 14.76
C TYR A 372 50.01 28.02 14.79
N ASP A 373 50.75 27.39 15.68
CA ASP A 373 50.72 25.93 15.72
C ASP A 373 49.36 25.42 16.16
N GLU A 374 48.76 26.14 17.10
CA GLU A 374 47.41 25.81 17.50
C GLU A 374 46.49 25.86 16.28
N LEU A 375 46.49 27.02 15.63
CA LEU A 375 45.68 27.19 14.44
C LEU A 375 45.91 26.09 13.43
N ALA A 376 47.13 25.59 13.33
CA ALA A 376 47.37 24.52 12.39
C ALA A 376 46.72 23.24 12.84
N GLU A 377 46.74 22.97 14.14
CA GLU A 377 46.01 21.80 14.64
C GLU A 377 44.55 21.88 14.24
N THR A 378 43.92 23.02 14.57
CA THR A 378 42.54 23.26 14.23
C THR A 378 42.30 23.01 12.74
N GLN A 379 43.17 23.52 11.89
CA GLN A 379 43.05 23.24 10.47
C GLN A 379 43.04 21.74 10.17
N GLY A 380 43.91 20.99 10.83
CA GLY A 380 43.90 19.54 10.66
C GLY A 380 42.52 18.96 10.92
N LYS A 381 41.95 19.36 12.05
CA LYS A 381 40.62 18.87 12.44
C LYS A 381 39.52 19.24 11.43
N LEU A 382 39.45 20.52 11.06
CA LEU A 382 38.45 20.94 10.07
C LEU A 382 38.60 20.14 8.80
N GLU A 383 39.82 19.95 8.33
CA GLU A 383 40.03 19.23 7.09
C GLU A 383 39.54 17.80 7.15
N GLU A 384 39.83 17.10 8.24
CA GLU A 384 39.36 15.72 8.28
C GLU A 384 37.85 15.65 8.45
N LYS A 385 37.27 16.61 9.16
CA LYS A 385 35.81 16.67 9.23
C LYS A 385 35.22 16.83 7.82
N LEU A 386 35.74 17.78 7.05
CA LEU A 386 35.28 17.98 5.68
C LEU A 386 35.43 16.73 4.84
N GLN A 387 36.47 15.94 5.10
CA GLN A 387 36.56 14.67 4.39
C GLN A 387 35.45 13.74 4.85
N GLU A 388 35.11 13.77 6.14
CA GLU A 388 34.03 12.94 6.64
C GLU A 388 32.73 13.26 5.93
N LEU A 389 32.31 14.52 6.03
CA LEU A 389 31.06 14.95 5.40
C LEU A 389 31.06 14.62 3.93
N GLU A 390 32.16 14.92 3.25
CA GLU A 390 32.22 14.66 1.82
C GLU A 390 32.24 13.15 1.55
N ALA A 391 32.42 12.36 2.60
CA ALA A 391 32.44 10.91 2.44
C ALA A 391 31.10 10.25 2.73
N ASN A 392 30.25 10.96 3.47
CA ASN A 392 28.94 10.42 3.83
C ASN A 392 27.80 11.26 3.29
N PRO A 393 27.55 11.17 1.98
CA PRO A 393 26.44 11.91 1.40
C PRO A 393 25.15 11.10 1.38
N PRO A 394 24.02 11.73 1.70
CA PRO A 394 22.71 11.09 1.68
C PRO A 394 22.37 10.54 0.31
N SER A 395 21.25 9.84 0.20
CA SER A 395 20.93 9.14 -1.03
C SER A 395 20.80 10.12 -2.18
N ASP A 396 21.32 9.69 -3.33
CA ASP A 396 21.35 10.53 -4.51
C ASP A 396 19.94 10.82 -4.97
N VAL A 397 19.12 9.78 -5.05
CA VAL A 397 17.74 9.90 -5.50
C VAL A 397 16.77 9.10 -4.67
N TYR A 398 15.49 9.27 -4.98
CA TYR A 398 14.44 8.47 -4.36
C TYR A 398 14.15 7.23 -5.19
N LEU A 399 13.97 7.40 -6.49
CA LEU A 399 13.73 6.26 -7.36
C LEU A 399 14.35 6.39 -8.74
N SER A 400 15.11 5.38 -9.11
CA SER A 400 15.69 5.30 -10.44
C SER A 400 14.65 4.81 -11.43
N SER A 401 14.99 4.86 -12.71
CA SER A 401 14.07 4.39 -13.74
C SER A 401 13.76 2.93 -13.56
N ARG A 402 14.76 2.12 -13.27
CA ARG A 402 14.50 0.71 -13.03
C ARG A 402 13.64 0.56 -11.79
N ASP A 403 13.96 1.35 -10.78
CA ASP A 403 13.17 1.34 -9.56
C ASP A 403 11.72 1.66 -9.88
N ARG A 404 11.46 2.89 -10.31
CA ARG A 404 10.12 3.33 -10.68
C ARG A 404 9.41 2.36 -11.62
N GLN A 405 10.15 1.67 -12.47
CA GLN A 405 9.52 0.69 -13.34
C GLN A 405 9.01 -0.48 -12.56
N ILE A 406 9.82 -0.96 -11.62
CA ILE A 406 9.39 -2.12 -10.85
C ILE A 406 8.26 -1.75 -9.92
N LEU A 407 8.39 -0.61 -9.27
CA LEU A 407 7.31 -0.06 -8.51
C LEU A 407 6.03 -0.04 -9.34
N ASP A 408 6.12 0.51 -10.54
CA ASP A 408 5.00 0.54 -11.46
C ASP A 408 4.44 -0.84 -11.64
N TRP A 409 5.30 -1.86 -11.63
CA TRP A 409 4.78 -3.21 -11.78
C TRP A 409 4.02 -3.65 -10.56
N HIS A 410 4.44 -3.19 -9.40
CA HIS A 410 3.69 -3.55 -8.20
C HIS A 410 2.33 -2.86 -8.17
N PHE A 411 2.31 -1.61 -8.59
CA PHE A 411 1.07 -0.90 -8.78
C PHE A 411 0.19 -1.57 -9.79
N ALA A 412 0.79 -2.13 -10.83
CA ALA A 412 0.00 -2.79 -11.85
C ALA A 412 -0.60 -4.00 -11.20
N ASN A 413 0.14 -4.63 -10.31
CA ASN A 413 -0.43 -5.76 -9.60
C ASN A 413 -1.61 -5.35 -8.74
N LEU A 414 -1.53 -4.20 -8.13
CA LEU A 414 -2.63 -3.69 -7.33
C LEU A 414 -3.84 -3.38 -8.19
N GLU A 415 -3.60 -2.72 -9.32
CA GLU A 415 -4.65 -2.39 -10.27
C GLU A 415 -5.27 -3.64 -10.82
N PHE A 416 -4.50 -4.71 -10.85
CA PHE A 416 -5.04 -5.97 -11.30
C PHE A 416 -5.96 -6.57 -10.26
N ALA A 417 -5.59 -6.53 -8.99
CA ALA A 417 -6.45 -7.15 -7.99
C ALA A 417 -7.79 -6.49 -7.94
N ASN A 418 -7.79 -5.18 -8.09
CA ASN A 418 -9.03 -4.43 -8.01
C ASN A 418 -9.66 -4.17 -9.36
N ALA A 419 -8.97 -4.61 -10.39
CA ALA A 419 -9.46 -4.51 -11.75
C ALA A 419 -9.79 -3.08 -12.12
N THR A 420 -9.00 -2.13 -11.67
CA THR A 420 -9.24 -0.76 -12.04
C THR A 420 -8.04 0.12 -11.76
N PRO A 421 -7.79 1.12 -12.62
CA PRO A 421 -6.79 2.14 -12.38
C PRO A 421 -6.85 2.65 -10.96
N LEU A 422 -5.71 2.71 -10.27
CA LEU A 422 -5.70 3.17 -8.90
C LEU A 422 -6.18 4.60 -8.81
N SER A 423 -6.35 5.25 -9.94
CA SER A 423 -6.79 6.63 -9.94
C SER A 423 -8.23 6.71 -9.57
N THR A 424 -8.89 5.55 -9.61
CA THR A 424 -10.34 5.44 -9.40
C THR A 424 -10.72 4.90 -8.02
N LEU A 425 -9.89 4.05 -7.43
CA LEU A 425 -10.18 3.47 -6.11
C LEU A 425 -10.40 4.53 -5.04
N SER A 426 -11.27 4.29 -4.09
CA SER A 426 -11.53 5.29 -3.06
C SER A 426 -10.44 5.16 -2.05
N LEU A 427 -9.79 6.27 -1.69
CA LEU A 427 -8.67 6.19 -0.77
C LEU A 427 -9.11 5.56 0.51
N LYS A 428 -10.20 6.07 1.05
CA LYS A 428 -10.69 5.65 2.33
C LYS A 428 -11.18 4.21 2.33
N HIS A 429 -11.96 3.83 1.32
CA HIS A 429 -12.74 2.60 1.42
C HIS A 429 -12.32 1.44 0.56
N TRP A 430 -11.34 1.64 -0.30
CA TRP A 430 -11.03 0.60 -1.27
C TRP A 430 -10.65 -0.73 -0.64
N ASP A 431 -10.30 -0.73 0.64
CA ASP A 431 -9.79 -1.94 1.27
C ASP A 431 -10.69 -2.38 2.39
N GLN A 432 -11.97 -2.05 2.31
CA GLN A 432 -12.86 -2.27 3.43
C GLN A 432 -13.30 -3.73 3.65
N ASP A 433 -13.23 -4.57 2.63
CA ASP A 433 -13.52 -5.98 2.85
C ASP A 433 -12.36 -6.70 3.51
N ASP A 434 -11.26 -5.98 3.69
CA ASP A 434 -9.99 -6.54 4.14
C ASP A 434 -10.09 -7.24 5.48
N ASP A 435 -11.08 -6.82 6.26
CA ASP A 435 -11.25 -7.36 7.60
C ASP A 435 -12.08 -8.62 7.61
N PHE A 436 -12.28 -9.21 6.44
CA PHE A 436 -13.08 -10.41 6.38
C PHE A 436 -12.36 -11.47 5.60
N GLU A 437 -11.04 -11.37 5.56
CA GLU A 437 -10.25 -12.28 4.76
C GLU A 437 -10.45 -13.71 5.21
N PHE A 438 -10.48 -14.61 4.24
CA PHE A 438 -10.45 -16.02 4.53
C PHE A 438 -9.02 -16.38 4.85
N THR A 439 -8.85 -17.40 5.67
CA THR A 439 -7.53 -17.92 5.98
C THR A 439 -7.23 -19.13 5.12
N GLY A 440 -5.96 -19.45 4.98
CA GLY A 440 -5.55 -20.52 4.11
C GLY A 440 -4.81 -19.96 2.93
N SER A 441 -4.23 -20.85 2.15
CA SER A 441 -3.52 -20.46 0.96
C SER A 441 -4.48 -20.37 -0.20
N HIS A 442 -4.24 -19.45 -1.11
CA HIS A 442 -5.13 -19.25 -2.24
C HIS A 442 -4.92 -20.37 -3.24
N LEU A 443 -5.99 -20.85 -3.84
CA LEU A 443 -5.86 -21.99 -4.75
C LEU A 443 -6.46 -21.76 -6.10
N THR A 444 -6.20 -22.71 -6.99
CA THR A 444 -6.73 -22.64 -8.35
C THR A 444 -7.47 -23.90 -8.65
N VAL A 445 -8.41 -23.81 -9.58
CA VAL A 445 -9.16 -24.99 -9.96
C VAL A 445 -8.54 -25.58 -11.19
N ARG A 446 -7.93 -26.74 -11.03
CA ARG A 446 -7.22 -27.34 -12.14
C ARG A 446 -8.17 -27.78 -13.24
N ASN A 447 -9.38 -28.17 -12.89
CA ASN A 447 -10.29 -28.68 -13.91
C ASN A 447 -11.33 -27.67 -14.33
N GLY A 448 -11.00 -26.39 -14.20
CA GLY A 448 -11.89 -25.37 -14.70
C GLY A 448 -12.95 -25.05 -13.68
N TYR A 449 -13.12 -23.77 -13.41
CA TYR A 449 -14.02 -23.31 -12.36
C TYR A 449 -15.48 -23.56 -12.74
N SER A 450 -15.76 -23.53 -14.04
CA SER A 450 -17.09 -23.76 -14.57
C SER A 450 -17.72 -25.04 -14.04
N CYS A 451 -16.90 -25.96 -13.57
CA CYS A 451 -17.38 -27.23 -13.05
C CYS A 451 -18.37 -27.02 -11.93
N VAL A 452 -18.31 -25.85 -11.31
CA VAL A 452 -19.19 -25.53 -10.21
C VAL A 452 -20.56 -25.01 -10.67
N PRO A 453 -20.62 -23.93 -11.48
CA PRO A 453 -21.95 -23.49 -11.90
C PRO A 453 -22.72 -24.61 -12.54
N VAL A 454 -22.04 -25.34 -13.41
CA VAL A 454 -22.66 -26.48 -14.04
C VAL A 454 -23.27 -27.40 -12.99
N ALA A 455 -22.50 -27.75 -11.98
CA ALA A 455 -22.99 -28.67 -10.97
C ALA A 455 -24.18 -28.08 -10.24
N LEU A 456 -24.19 -26.76 -10.10
CA LEU A 456 -25.29 -26.12 -9.41
C LEU A 456 -26.56 -26.16 -10.24
N ALA A 457 -26.43 -26.20 -11.56
CA ALA A 457 -27.59 -26.11 -12.42
C ALA A 457 -28.31 -27.43 -12.59
N GLU A 458 -27.90 -28.44 -11.85
CA GLU A 458 -28.59 -29.70 -11.96
C GLU A 458 -29.96 -29.58 -11.35
N GLY A 459 -30.97 -29.91 -12.15
CA GLY A 459 -32.34 -30.01 -11.67
C GLY A 459 -33.06 -28.69 -11.71
N LEU A 460 -32.42 -27.67 -12.28
CA LEU A 460 -33.04 -26.38 -12.34
C LEU A 460 -33.61 -26.11 -13.70
N ASP A 461 -34.66 -25.29 -13.72
CA ASP A 461 -35.31 -24.87 -14.96
C ASP A 461 -34.64 -23.63 -15.50
N ILE A 462 -33.74 -23.83 -16.44
CA ILE A 462 -32.97 -22.73 -16.99
C ILE A 462 -33.32 -22.49 -18.44
N LYS A 463 -33.52 -21.23 -18.80
CA LYS A 463 -33.82 -20.90 -20.18
C LYS A 463 -32.66 -20.15 -20.84
N LEU A 464 -31.84 -20.88 -21.60
CA LEU A 464 -30.67 -20.26 -22.22
C LEU A 464 -31.09 -19.41 -23.39
N ASN A 465 -30.20 -18.51 -23.79
CA ASN A 465 -30.45 -17.65 -24.95
C ASN A 465 -31.71 -16.83 -24.80
N THR A 466 -31.81 -16.13 -23.69
CA THR A 466 -33.00 -15.38 -23.40
C THR A 466 -32.56 -14.08 -22.82
N ALA A 467 -32.58 -13.03 -23.60
CA ALA A 467 -32.12 -11.77 -23.09
C ALA A 467 -33.31 -11.09 -22.50
N VAL A 468 -33.26 -10.75 -21.23
CA VAL A 468 -34.39 -10.06 -20.69
C VAL A 468 -34.29 -8.65 -21.15
N ARG A 469 -35.43 -8.07 -21.54
CA ARG A 469 -35.44 -6.76 -22.11
C ARG A 469 -36.27 -5.77 -21.33
N GLN A 470 -37.03 -6.25 -20.36
CA GLN A 470 -37.86 -5.35 -19.58
C GLN A 470 -38.37 -6.05 -18.37
N VAL A 471 -38.36 -5.33 -17.24
CA VAL A 471 -38.90 -5.82 -15.99
C VAL A 471 -40.00 -4.93 -15.49
N ARG A 472 -41.16 -5.57 -15.35
CA ARG A 472 -42.42 -4.96 -14.99
C ARG A 472 -42.88 -5.51 -13.69
N TYR A 473 -42.79 -4.71 -12.65
CA TYR A 473 -43.20 -5.18 -11.35
C TYR A 473 -44.35 -4.30 -10.88
N THR A 474 -45.41 -4.93 -10.39
CA THR A 474 -46.58 -4.19 -9.96
C THR A 474 -47.05 -4.67 -8.63
N ALA A 475 -47.99 -3.93 -8.07
CA ALA A 475 -48.62 -4.30 -6.82
C ALA A 475 -49.05 -5.78 -6.78
N SER A 476 -49.46 -6.33 -7.92
CA SER A 476 -50.10 -7.63 -7.90
C SER A 476 -49.22 -8.73 -8.44
N GLY A 477 -48.01 -8.37 -8.79
CA GLY A 477 -47.08 -9.33 -9.33
C GLY A 477 -46.14 -8.68 -10.32
N CYS A 478 -45.38 -9.52 -11.01
CA CYS A 478 -44.41 -9.05 -11.97
C CYS A 478 -44.52 -9.79 -13.27
N GLU A 479 -44.25 -9.09 -14.36
CA GLU A 479 -44.03 -9.75 -15.62
C GLU A 479 -42.72 -9.28 -16.19
N VAL A 480 -42.02 -10.22 -16.81
CA VAL A 480 -40.70 -10.04 -17.36
C VAL A 480 -40.72 -10.40 -18.82
N ILE A 481 -40.31 -9.43 -19.65
CA ILE A 481 -40.38 -9.54 -21.10
C ILE A 481 -39.01 -9.86 -21.64
N ALA A 482 -38.84 -11.00 -22.29
CA ALA A 482 -37.53 -11.38 -22.78
C ALA A 482 -37.56 -11.76 -24.25
N VAL A 483 -36.42 -11.75 -24.92
CA VAL A 483 -36.38 -12.17 -26.33
C VAL A 483 -35.42 -13.32 -26.52
N ASN A 484 -35.61 -14.07 -27.59
CA ASN A 484 -34.65 -15.09 -27.92
C ASN A 484 -33.43 -14.45 -28.57
N THR A 485 -32.25 -14.73 -28.02
CA THR A 485 -31.01 -14.05 -28.45
C THR A 485 -30.64 -14.42 -29.85
N ARG A 486 -30.98 -15.65 -30.24
CA ARG A 486 -30.78 -16.09 -31.60
C ARG A 486 -31.69 -15.33 -32.56
N SER A 487 -32.99 -15.40 -32.35
CA SER A 487 -33.95 -14.69 -33.20
C SER A 487 -34.66 -13.58 -32.45
N THR A 488 -34.13 -12.37 -32.52
CA THR A 488 -34.56 -11.30 -31.62
C THR A 488 -35.90 -10.67 -31.93
N SER A 489 -36.80 -11.42 -32.56
CA SER A 489 -38.16 -10.97 -32.71
C SER A 489 -39.03 -11.91 -31.91
N GLN A 490 -38.52 -13.12 -31.71
CA GLN A 490 -39.22 -14.12 -30.93
C GLN A 490 -39.35 -13.63 -29.50
N THR A 491 -40.55 -13.25 -29.08
CA THR A 491 -40.73 -12.61 -27.79
C THR A 491 -41.36 -13.57 -26.79
N PHE A 492 -40.97 -13.42 -25.52
CA PHE A 492 -41.50 -14.16 -24.40
C PHE A 492 -42.00 -13.28 -23.27
N ILE A 493 -43.08 -13.70 -22.63
CA ILE A 493 -43.56 -13.05 -21.44
C ILE A 493 -43.61 -14.08 -20.34
N TYR A 494 -43.07 -13.70 -19.18
CA TYR A 494 -43.10 -14.51 -17.98
C TYR A 494 -43.77 -13.77 -16.85
N LYS A 495 -44.77 -14.38 -16.22
CA LYS A 495 -45.42 -13.74 -15.10
C LYS A 495 -45.14 -14.54 -13.84
N CYS A 496 -45.00 -13.80 -12.74
CA CYS A 496 -44.47 -14.34 -11.50
C CYS A 496 -44.74 -13.42 -10.32
N ASP A 497 -44.57 -13.95 -9.12
CA ASP A 497 -44.69 -13.18 -7.90
C ASP A 497 -43.53 -12.25 -7.66
N ALA A 498 -42.32 -12.76 -7.81
CA ALA A 498 -41.15 -11.95 -7.53
C ALA A 498 -40.00 -12.26 -8.45
N VAL A 499 -39.18 -11.23 -8.63
CA VAL A 499 -38.11 -11.25 -9.60
C VAL A 499 -36.77 -10.97 -8.94
N LEU A 500 -35.91 -11.98 -8.96
CA LEU A 500 -34.59 -11.85 -8.40
C LEU A 500 -33.57 -11.49 -9.47
N CYS A 501 -32.93 -10.34 -9.33
CA CYS A 501 -32.17 -9.77 -10.42
C CYS A 501 -30.67 -9.89 -10.25
N THR A 502 -30.06 -10.94 -10.75
CA THR A 502 -28.63 -11.03 -10.61
C THR A 502 -27.94 -10.43 -11.81
N LEU A 503 -28.32 -9.23 -12.21
CA LEU A 503 -27.68 -8.65 -13.37
C LEU A 503 -26.44 -7.94 -12.96
N PRO A 504 -25.30 -8.31 -13.56
CA PRO A 504 -24.00 -7.66 -13.47
C PRO A 504 -24.14 -6.18 -13.34
N LEU A 505 -23.39 -5.58 -12.45
CA LEU A 505 -23.58 -4.17 -12.18
C LEU A 505 -23.30 -3.40 -13.44
N GLY A 506 -22.49 -3.95 -14.32
CA GLY A 506 -22.20 -3.27 -15.56
C GLY A 506 -23.44 -3.10 -16.39
N VAL A 507 -24.11 -4.21 -16.66
CA VAL A 507 -25.39 -4.24 -17.36
C VAL A 507 -26.39 -3.25 -16.74
N LEU A 508 -26.47 -3.22 -15.42
CA LEU A 508 -27.26 -2.19 -14.78
C LEU A 508 -26.74 -0.79 -15.04
N LYS A 509 -25.46 -0.67 -15.29
CA LYS A 509 -24.89 0.65 -15.42
C LYS A 509 -25.18 1.22 -16.78
N GLN A 510 -25.46 0.32 -17.73
CA GLN A 510 -25.55 0.61 -19.16
C GLN A 510 -26.38 1.83 -19.46
N GLN A 511 -25.89 2.61 -20.42
CA GLN A 511 -26.65 3.73 -20.93
C GLN A 511 -26.42 3.78 -22.43
N PRO A 512 -27.49 3.62 -23.20
CA PRO A 512 -28.88 3.47 -22.80
C PRO A 512 -29.20 2.02 -22.42
N PRO A 513 -30.20 1.82 -21.56
CA PRO A 513 -30.47 0.61 -20.77
C PRO A 513 -30.59 -0.68 -21.55
N ALA A 514 -29.88 -1.70 -21.12
CA ALA A 514 -30.00 -2.99 -21.75
C ALA A 514 -31.28 -3.63 -21.31
N VAL A 515 -31.74 -3.22 -20.13
CA VAL A 515 -32.93 -3.77 -19.51
C VAL A 515 -33.72 -2.63 -18.92
N GLN A 516 -35.01 -2.61 -19.17
CA GLN A 516 -35.83 -1.48 -18.81
C GLN A 516 -36.62 -1.87 -17.60
N PHE A 517 -36.77 -0.98 -16.64
CA PHE A 517 -37.47 -1.32 -15.42
C PHE A 517 -38.76 -0.56 -15.32
N VAL A 518 -39.87 -1.28 -15.29
CA VAL A 518 -41.15 -0.59 -15.21
C VAL A 518 -41.92 -0.95 -13.98
N PRO A 519 -42.09 0.02 -13.07
CA PRO A 519 -41.68 1.43 -13.17
C PRO A 519 -40.18 1.60 -12.93
N PRO A 520 -39.62 2.79 -13.20
CA PRO A 520 -38.18 2.96 -13.10
C PRO A 520 -37.64 2.67 -11.70
N LEU A 521 -36.44 2.13 -11.58
CA LEU A 521 -35.79 2.04 -10.28
C LEU A 521 -35.74 3.42 -9.67
N PRO A 522 -35.87 3.50 -8.36
CA PRO A 522 -36.01 4.80 -7.71
C PRO A 522 -34.70 5.53 -7.71
N GLU A 523 -34.71 6.81 -7.39
CA GLU A 523 -33.49 7.59 -7.51
C GLU A 523 -32.37 7.05 -6.65
N TRP A 524 -32.70 6.57 -5.46
CA TRP A 524 -31.65 6.10 -4.58
C TRP A 524 -30.95 4.88 -5.12
N LYS A 525 -31.65 3.98 -5.79
CA LYS A 525 -30.96 2.80 -6.26
C LYS A 525 -30.15 3.13 -7.48
N THR A 526 -30.70 3.95 -8.37
CA THR A 526 -29.92 4.36 -9.53
C THR A 526 -28.65 5.04 -9.09
N SER A 527 -28.76 6.09 -8.29
CA SER A 527 -27.59 6.80 -7.79
C SER A 527 -26.57 5.85 -7.20
N ALA A 528 -26.98 4.89 -6.40
CA ALA A 528 -26.07 3.87 -5.95
C ALA A 528 -25.41 3.18 -7.10
N VAL A 529 -26.14 3.00 -8.19
CA VAL A 529 -25.59 2.25 -9.32
C VAL A 529 -24.61 3.11 -10.11
N GLN A 530 -24.83 4.40 -10.08
CA GLN A 530 -23.94 5.31 -10.75
C GLN A 530 -22.66 5.50 -9.97
N ARG A 531 -22.78 5.55 -8.64
CA ARG A 531 -21.64 5.87 -7.80
C ARG A 531 -20.68 4.74 -7.77
N MET A 532 -21.18 3.52 -7.69
CA MET A 532 -20.28 2.38 -7.56
C MET A 532 -19.38 2.28 -8.76
N GLY A 533 -18.50 1.32 -8.71
CA GLY A 533 -17.49 1.19 -9.72
C GLY A 533 -17.57 -0.20 -10.25
N PHE A 534 -17.30 -0.32 -11.54
CA PHE A 534 -17.21 -1.62 -12.16
C PHE A 534 -15.92 -1.56 -12.92
N GLY A 535 -15.11 -2.59 -12.77
CA GLY A 535 -13.77 -2.53 -13.30
C GLY A 535 -13.61 -3.41 -14.50
N ASN A 536 -12.37 -3.51 -14.97
CA ASN A 536 -12.05 -4.32 -16.14
C ASN A 536 -10.72 -5.01 -15.99
N LEU A 537 -10.62 -6.16 -16.59
CA LEU A 537 -9.49 -7.03 -16.38
C LEU A 537 -9.55 -8.16 -17.39
N ASN A 538 -8.47 -8.48 -18.09
CA ASN A 538 -8.59 -9.54 -19.11
C ASN A 538 -7.47 -10.56 -19.11
N LYS A 539 -7.73 -11.74 -19.67
CA LYS A 539 -6.73 -12.79 -19.70
C LYS A 539 -6.45 -13.29 -21.10
N VAL A 540 -5.23 -13.77 -21.34
CA VAL A 540 -4.83 -14.36 -22.61
C VAL A 540 -4.36 -15.77 -22.42
N VAL A 541 -5.06 -16.71 -23.02
CA VAL A 541 -4.64 -18.07 -22.90
C VAL A 541 -3.76 -18.47 -24.06
N LEU A 542 -2.63 -19.06 -23.69
CA LEU A 542 -1.62 -19.53 -24.62
C LEU A 542 -1.45 -21.03 -24.46
N CYS A 543 -1.76 -21.75 -25.53
CA CYS A 543 -1.67 -23.19 -25.56
C CYS A 543 -0.60 -23.65 -26.51
N PHE A 544 0.53 -24.07 -25.95
CA PHE A 544 1.64 -24.63 -26.70
C PHE A 544 1.59 -26.14 -26.66
N ASP A 545 2.64 -26.77 -27.17
CA ASP A 545 2.72 -28.22 -27.24
C ASP A 545 3.71 -28.80 -26.23
N ARG A 546 4.50 -27.93 -25.61
CA ARG A 546 5.47 -28.37 -24.62
C ARG A 546 5.88 -27.24 -23.69
N VAL A 547 6.24 -27.60 -22.47
CA VAL A 547 6.57 -26.62 -21.45
C VAL A 547 7.96 -26.03 -21.62
N PHE A 548 8.04 -24.73 -21.86
CA PHE A 548 9.35 -24.09 -21.98
C PHE A 548 9.59 -23.12 -20.84
N TRP A 549 8.76 -23.18 -19.80
CA TRP A 549 8.92 -22.29 -18.67
C TRP A 549 9.30 -23.08 -17.47
N ASP A 550 9.41 -22.42 -16.33
CA ASP A 550 9.79 -23.11 -15.13
C ASP A 550 8.59 -23.75 -14.47
N PRO A 551 8.49 -25.08 -14.57
CA PRO A 551 7.36 -25.88 -14.10
C PRO A 551 7.20 -25.83 -12.59
N SER A 552 8.16 -25.23 -11.90
CA SER A 552 8.07 -25.09 -10.46
C SER A 552 7.67 -23.68 -10.13
N VAL A 553 7.58 -22.87 -11.17
CA VAL A 553 7.13 -21.50 -11.01
C VAL A 553 5.68 -21.41 -11.42
N ASN A 554 4.84 -20.96 -10.50
CA ASN A 554 3.44 -20.83 -10.82
C ASN A 554 3.17 -19.50 -11.51
N LEU A 555 3.87 -18.47 -11.11
CA LEU A 555 3.64 -17.15 -11.68
C LEU A 555 4.87 -16.30 -11.77
N PHE A 556 4.99 -15.56 -12.86
CA PHE A 556 6.14 -14.65 -13.00
C PHE A 556 5.77 -13.40 -13.76
N GLY A 557 6.55 -12.33 -13.60
CA GLY A 557 6.14 -11.02 -14.08
C GLY A 557 6.89 -10.52 -15.30
N HIS A 558 6.55 -9.33 -15.76
CA HIS A 558 7.28 -8.64 -16.80
C HIS A 558 7.16 -7.16 -16.56
N VAL A 559 8.27 -6.47 -16.34
CA VAL A 559 8.15 -5.10 -15.90
C VAL A 559 7.91 -4.19 -17.08
N GLY A 560 6.91 -3.34 -16.92
CA GLY A 560 6.45 -2.50 -18.00
C GLY A 560 7.40 -1.38 -18.29
N SER A 561 7.55 -1.08 -19.57
CA SER A 561 8.43 -0.03 -20.03
C SER A 561 8.07 1.31 -19.46
N THR A 562 6.78 1.59 -19.41
CA THR A 562 6.36 2.87 -18.88
C THR A 562 5.39 2.73 -17.73
N THR A 563 4.81 3.85 -17.38
CA THR A 563 3.81 3.90 -16.35
C THR A 563 2.50 3.53 -16.99
N ALA A 564 2.24 4.13 -18.14
CA ALA A 564 1.01 3.87 -18.87
C ALA A 564 0.86 2.39 -19.16
N SER A 565 1.91 1.79 -19.67
CA SER A 565 1.82 0.43 -20.11
C SER A 565 2.13 -0.56 -19.01
N ARG A 566 1.91 -0.18 -17.75
CA ARG A 566 2.33 -1.05 -16.67
C ARG A 566 1.40 -2.25 -16.56
N GLY A 567 0.16 -2.09 -16.99
CA GLY A 567 -0.76 -3.18 -16.95
C GLY A 567 -0.57 -4.12 -18.11
N GLU A 568 0.13 -3.63 -19.13
CA GLU A 568 0.16 -4.31 -20.41
C GLU A 568 0.91 -5.62 -20.37
N LEU A 569 0.16 -6.70 -20.21
CA LEU A 569 0.68 -8.04 -20.23
C LEU A 569 1.69 -8.32 -19.14
N PHE A 570 1.41 -7.81 -17.95
CA PHE A 570 2.39 -7.70 -16.87
C PHE A 570 2.63 -8.94 -16.03
N LEU A 571 2.03 -10.06 -16.38
CA LEU A 571 2.03 -11.20 -15.47
C LEU A 571 1.56 -12.49 -16.10
N PHE A 572 2.22 -13.59 -15.78
CA PHE A 572 1.95 -14.88 -16.38
C PHE A 572 1.72 -15.96 -15.34
N TRP A 573 0.84 -16.92 -15.66
CA TRP A 573 0.52 -18.05 -14.78
C TRP A 573 0.65 -19.40 -15.46
N ASN A 574 1.40 -20.30 -14.82
CA ASN A 574 1.34 -21.70 -15.16
C ASN A 574 0.67 -22.47 -14.05
N LEU A 575 -0.61 -22.78 -14.22
CA LEU A 575 -1.32 -23.47 -13.16
C LEU A 575 -1.78 -24.81 -13.63
N TYR A 576 -1.81 -25.00 -14.93
CA TYR A 576 -2.45 -26.17 -15.48
C TYR A 576 -1.44 -27.25 -15.81
N LYS A 577 -1.94 -28.48 -15.80
CA LYS A 577 -1.13 -29.65 -16.08
C LYS A 577 -0.62 -29.56 -17.49
N ALA A 578 -1.46 -29.01 -18.36
CA ALA A 578 -1.12 -28.84 -19.75
C ALA A 578 -0.12 -27.69 -19.94
N PRO A 579 0.57 -27.68 -21.10
CA PRO A 579 1.38 -26.54 -21.49
C PRO A 579 0.55 -25.31 -21.75
N ILE A 580 0.02 -24.71 -20.70
CA ILE A 580 -0.78 -23.52 -20.88
C ILE A 580 -0.26 -22.39 -20.03
N LEU A 581 0.00 -21.27 -20.69
CA LEU A 581 0.40 -20.09 -19.98
C LEU A 581 -0.69 -19.06 -20.04
N LEU A 582 -0.83 -18.30 -18.96
CA LEU A 582 -1.89 -17.32 -18.85
C LEU A 582 -1.38 -15.91 -18.69
N ALA A 583 -1.68 -15.03 -19.62
CA ALA A 583 -1.14 -13.69 -19.53
C ALA A 583 -2.19 -12.72 -19.05
N LEU A 584 -1.85 -11.77 -18.20
CA LEU A 584 -2.89 -10.88 -17.70
C LEU A 584 -2.78 -9.50 -18.25
N VAL A 585 -3.89 -8.81 -18.41
CA VAL A 585 -3.87 -7.40 -18.78
C VAL A 585 -4.74 -6.62 -17.84
N ALA A 586 -4.16 -5.68 -17.12
CA ALA A 586 -4.94 -4.94 -16.14
C ALA A 586 -4.80 -3.45 -16.26
N GLY A 587 -5.38 -2.76 -15.31
CA GLY A 587 -5.17 -1.33 -15.15
C GLY A 587 -5.72 -0.55 -16.30
N GLU A 588 -5.01 0.48 -16.72
CA GLU A 588 -5.47 1.30 -17.81
C GLU A 588 -5.43 0.51 -19.08
N ALA A 589 -4.38 -0.30 -19.18
CA ALA A 589 -4.13 -1.12 -20.35
C ALA A 589 -5.27 -2.07 -20.69
N ALA A 590 -6.01 -2.51 -19.69
CA ALA A 590 -7.01 -3.56 -19.91
C ALA A 590 -8.12 -3.09 -20.78
N GLY A 591 -8.43 -1.81 -20.70
CA GLY A 591 -9.48 -1.22 -21.49
C GLY A 591 -9.07 -0.87 -22.91
N ILE A 592 -7.78 -0.59 -23.11
CA ILE A 592 -7.31 -0.21 -24.42
C ILE A 592 -6.95 -1.44 -25.21
N MET A 593 -6.48 -2.47 -24.55
CA MET A 593 -6.10 -3.65 -25.28
C MET A 593 -7.29 -4.37 -25.90
N GLU A 594 -8.50 -3.94 -25.57
CA GLU A 594 -9.66 -4.60 -26.14
C GLU A 594 -9.91 -4.11 -27.57
N ASN A 595 -9.30 -2.98 -27.92
CA ASN A 595 -9.42 -2.44 -29.26
C ASN A 595 -8.27 -2.83 -30.15
N ILE A 596 -7.77 -4.03 -29.92
CA ILE A 596 -6.62 -4.52 -30.63
C ILE A 596 -6.83 -5.98 -30.92
N SER A 597 -6.49 -6.39 -32.13
CA SER A 597 -6.81 -7.72 -32.60
C SER A 597 -6.05 -8.78 -31.82
N ASP A 598 -6.62 -9.97 -31.80
CA ASP A 598 -6.05 -11.10 -31.08
C ASP A 598 -4.61 -11.35 -31.48
N ASP A 599 -4.38 -11.37 -32.78
CA ASP A 599 -3.08 -11.72 -33.31
C ASP A 599 -2.01 -10.77 -32.84
N VAL A 600 -2.30 -9.48 -32.87
CA VAL A 600 -1.34 -8.51 -32.37
C VAL A 600 -1.01 -8.79 -30.91
N ILE A 601 -2.05 -9.05 -30.13
CA ILE A 601 -1.90 -9.24 -28.71
C ILE A 601 -1.04 -10.44 -28.41
N VAL A 602 -1.39 -11.58 -28.99
CA VAL A 602 -0.56 -12.77 -28.85
C VAL A 602 0.85 -12.48 -29.40
N GLY A 603 0.93 -11.50 -30.29
CA GLY A 603 2.21 -11.03 -30.78
C GLY A 603 3.04 -10.51 -29.62
N ARG A 604 2.58 -9.43 -29.02
CA ARG A 604 3.27 -8.84 -27.88
C ARG A 604 3.59 -9.88 -26.81
N CYS A 605 2.66 -10.81 -26.62
CA CYS A 605 2.85 -11.91 -25.68
C CYS A 605 4.09 -12.70 -26.00
N LEU A 606 4.06 -13.34 -27.16
CA LEU A 606 5.16 -14.20 -27.57
C LEU A 606 6.45 -13.41 -27.58
N ALA A 607 6.35 -12.13 -27.88
CA ALA A 607 7.49 -11.24 -27.86
C ALA A 607 8.14 -11.26 -26.47
N ILE A 608 7.36 -10.90 -25.47
CA ILE A 608 7.88 -10.86 -24.10
C ILE A 608 8.40 -12.21 -23.66
N LEU A 609 7.65 -13.25 -23.99
CA LEU A 609 8.09 -14.60 -23.70
C LEU A 609 9.45 -14.94 -24.29
N LYS A 610 9.67 -14.53 -25.53
CA LYS A 610 10.92 -14.79 -26.22
C LYS A 610 12.02 -14.04 -25.52
N GLY A 611 11.76 -12.76 -25.25
CA GLY A 611 12.70 -11.92 -24.56
C GLY A 611 13.15 -12.51 -23.23
N ILE A 612 12.25 -13.24 -22.59
CA ILE A 612 12.62 -13.81 -21.30
C ILE A 612 13.29 -15.17 -21.46
N PHE A 613 12.86 -15.93 -22.45
CA PHE A 613 13.27 -17.33 -22.56
C PHE A 613 14.19 -17.64 -23.74
N GLY A 614 14.18 -16.78 -24.77
CA GLY A 614 15.01 -17.02 -25.92
C GLY A 614 14.22 -17.44 -27.15
N SER A 615 14.62 -16.90 -28.30
CA SER A 615 13.85 -17.03 -29.54
C SER A 615 13.71 -18.47 -30.03
N SER A 616 14.67 -19.31 -29.67
CA SER A 616 14.68 -20.68 -30.14
C SER A 616 14.10 -21.61 -29.09
N ALA A 617 13.15 -21.08 -28.32
CA ALA A 617 12.60 -21.83 -27.20
C ALA A 617 11.11 -21.62 -27.07
N VAL A 618 10.57 -20.63 -27.78
CA VAL A 618 9.16 -20.27 -27.67
C VAL A 618 8.35 -20.64 -28.91
N PRO A 619 7.70 -21.81 -28.87
CA PRO A 619 6.93 -22.32 -30.01
C PRO A 619 5.72 -21.47 -30.28
N GLN A 620 5.09 -21.66 -31.42
CA GLN A 620 3.82 -21.00 -31.66
C GLN A 620 2.75 -21.72 -30.85
N PRO A 621 1.79 -20.96 -30.31
CA PRO A 621 0.68 -21.52 -29.55
C PRO A 621 -0.28 -22.26 -30.46
N LYS A 622 -0.46 -23.54 -30.20
CA LYS A 622 -1.44 -24.34 -30.91
C LYS A 622 -2.82 -23.71 -30.80
N GLU A 623 -3.15 -23.18 -29.62
CA GLU A 623 -4.46 -22.53 -29.41
C GLU A 623 -4.36 -21.24 -28.59
N THR A 624 -5.09 -20.20 -29.02
CA THR A 624 -5.03 -18.92 -28.33
C THR A 624 -6.37 -18.28 -28.11
N VAL A 625 -6.59 -17.80 -26.88
CA VAL A 625 -7.90 -17.23 -26.50
C VAL A 625 -7.77 -15.88 -25.80
N VAL A 626 -8.58 -14.89 -26.16
CA VAL A 626 -8.45 -13.59 -25.51
C VAL A 626 -9.75 -13.01 -25.02
N SER A 627 -9.86 -12.78 -23.72
CA SER A 627 -11.07 -12.25 -23.15
C SER A 627 -11.26 -10.77 -23.42
N ARG A 628 -12.49 -10.35 -23.62
CA ARG A 628 -12.80 -8.93 -23.63
C ARG A 628 -14.05 -8.65 -22.80
N TRP A 629 -13.88 -8.55 -21.48
CA TRP A 629 -15.03 -8.51 -20.61
C TRP A 629 -15.75 -7.20 -20.71
N ARG A 630 -15.04 -6.09 -20.86
CA ARG A 630 -15.71 -4.81 -20.91
C ARG A 630 -16.54 -4.71 -22.17
N ALA A 631 -16.33 -5.64 -23.08
CA ALA A 631 -17.09 -5.65 -24.31
C ALA A 631 -18.31 -6.53 -24.15
N ASP A 632 -18.14 -7.67 -23.51
CA ASP A 632 -19.21 -8.63 -23.29
C ASP A 632 -20.44 -7.94 -22.72
N PRO A 633 -21.52 -7.92 -23.50
CA PRO A 633 -22.76 -7.22 -23.17
C PRO A 633 -23.59 -7.89 -22.09
N TRP A 634 -23.13 -9.02 -21.60
CA TRP A 634 -23.70 -9.70 -20.45
C TRP A 634 -22.81 -9.57 -19.24
N ALA A 635 -22.01 -8.51 -19.25
CA ALA A 635 -21.03 -8.31 -18.21
C ALA A 635 -20.66 -6.86 -18.18
N ARG A 636 -20.22 -6.31 -19.30
CA ARG A 636 -19.81 -4.92 -19.36
C ARG A 636 -18.68 -4.60 -18.41
N GLY A 637 -17.88 -5.60 -18.08
CA GLY A 637 -16.79 -5.38 -17.15
C GLY A 637 -16.42 -6.63 -16.39
N SER A 638 -15.52 -6.49 -15.44
CA SER A 638 -14.98 -7.64 -14.79
C SER A 638 -15.61 -7.91 -13.45
N TYR A 639 -15.41 -7.01 -12.51
CA TYR A 639 -16.18 -7.03 -11.28
C TYR A 639 -16.12 -5.65 -10.71
N SER A 640 -16.66 -5.49 -9.52
CA SER A 640 -16.84 -4.14 -9.02
C SER A 640 -15.67 -3.72 -8.18
N TYR A 641 -15.64 -2.45 -7.87
CA TYR A 641 -14.59 -1.91 -7.04
C TYR A 641 -15.20 -0.73 -6.34
N VAL A 642 -14.54 -0.19 -5.33
CA VAL A 642 -15.16 0.92 -4.65
C VAL A 642 -14.63 2.21 -5.18
N ALA A 643 -15.25 2.71 -6.22
CA ALA A 643 -14.87 3.97 -6.80
C ALA A 643 -14.80 5.04 -5.79
N ALA A 644 -14.00 6.06 -6.07
CA ALA A 644 -13.91 7.21 -5.18
C ALA A 644 -15.24 7.87 -5.12
N GLY A 645 -15.64 8.30 -3.93
CA GLY A 645 -16.98 8.81 -3.71
C GLY A 645 -18.00 7.74 -3.35
N SER A 646 -17.64 6.48 -3.54
CA SER A 646 -18.52 5.38 -3.22
C SER A 646 -18.12 4.88 -1.85
N SER A 647 -18.88 3.94 -1.31
CA SER A 647 -18.52 3.32 -0.05
C SER A 647 -19.10 1.93 -0.01
N GLY A 648 -19.17 1.31 1.16
CA GLY A 648 -19.71 -0.04 1.22
C GLY A 648 -21.20 0.12 1.25
N ASN A 649 -21.59 1.23 1.86
CA ASN A 649 -22.98 1.60 1.98
C ASN A 649 -23.75 1.40 0.69
N ASP A 650 -23.13 1.70 -0.43
CA ASP A 650 -23.76 1.48 -1.70
C ASP A 650 -23.92 0.02 -2.01
N TYR A 651 -23.08 -0.84 -1.48
CA TYR A 651 -23.28 -2.27 -1.68
C TYR A 651 -24.56 -2.65 -0.97
N ASP A 652 -24.76 -2.03 0.16
CA ASP A 652 -25.98 -2.33 0.89
C ASP A 652 -27.22 -1.79 0.15
N LEU A 653 -27.13 -0.57 -0.37
CA LEU A 653 -28.21 -0.07 -1.20
C LEU A 653 -28.55 -1.00 -2.35
N MET A 654 -27.53 -1.50 -3.03
CA MET A 654 -27.77 -2.42 -4.13
C MET A 654 -28.51 -3.63 -3.65
N ALA A 655 -28.31 -4.04 -2.40
CA ALA A 655 -29.03 -5.24 -1.97
C ALA A 655 -30.52 -5.03 -1.64
N GLN A 656 -30.87 -3.84 -1.18
CA GLN A 656 -32.23 -3.51 -0.77
C GLN A 656 -33.27 -3.75 -1.85
N PRO A 657 -34.22 -4.67 -1.62
CA PRO A 657 -35.25 -5.00 -2.58
C PRO A 657 -36.24 -3.87 -2.79
N ILE A 658 -37.01 -3.90 -3.90
CA ILE A 658 -37.98 -2.85 -4.22
C ILE A 658 -39.44 -3.23 -4.04
N THR A 659 -40.17 -2.29 -3.45
CA THR A 659 -41.60 -2.45 -3.22
C THR A 659 -42.39 -1.43 -4.05
N PRO A 660 -43.14 -1.94 -5.02
CA PRO A 660 -43.97 -1.25 -6.01
C PRO A 660 -45.12 -0.49 -5.39
N GLY A 661 -45.51 0.63 -5.97
CA GLY A 661 -46.67 1.38 -5.48
C GLY A 661 -47.97 0.61 -5.57
N PRO A 662 -49.00 1.07 -4.86
CA PRO A 662 -50.28 0.36 -4.77
C PRO A 662 -51.07 0.50 -6.07
N SER A 663 -51.76 -0.57 -6.50
CA SER A 663 -52.54 -0.51 -7.74
C SER A 663 -53.68 0.48 -7.55
N ILE A 664 -54.74 0.00 -6.93
CA ILE A 664 -55.79 0.87 -6.46
C ILE A 664 -55.17 1.89 -5.54
N PRO A 665 -55.49 3.17 -5.73
CA PRO A 665 -54.98 4.18 -4.79
C PRO A 665 -55.69 4.09 -3.44
N GLY A 666 -54.92 4.23 -2.37
CA GLY A 666 -55.45 4.11 -1.03
C GLY A 666 -55.51 2.66 -0.63
N ALA A 667 -54.66 1.87 -1.26
CA ALA A 667 -54.59 0.47 -0.91
C ALA A 667 -53.36 0.28 -0.04
N PRO A 668 -53.32 -0.79 0.74
CA PRO A 668 -52.17 -1.06 1.56
C PRO A 668 -50.89 -1.28 0.76
N GLN A 669 -49.78 -0.80 1.32
CA GLN A 669 -48.46 -0.94 0.70
C GLN A 669 -48.06 -2.39 0.54
N PRO A 670 -47.84 -2.80 -0.70
CA PRO A 670 -47.63 -4.23 -0.98
C PRO A 670 -46.34 -4.84 -0.44
N ILE A 671 -46.36 -6.16 -0.40
CA ILE A 671 -45.19 -6.99 -0.56
C ILE A 671 -44.18 -6.33 -1.51
N PRO A 672 -42.89 -6.54 -1.26
CA PRO A 672 -41.76 -6.22 -2.13
C PRO A 672 -41.61 -7.21 -3.25
N ARG A 673 -41.62 -6.74 -4.50
CA ARG A 673 -41.64 -7.66 -5.61
C ARG A 673 -40.26 -7.88 -6.22
N LEU A 674 -39.41 -6.86 -6.16
CA LEU A 674 -38.14 -6.90 -6.87
C LEU A 674 -36.95 -7.03 -5.94
N PHE A 675 -36.21 -8.12 -6.11
CA PHE A 675 -35.03 -8.45 -5.30
C PHE A 675 -33.74 -8.48 -6.12
N PHE A 676 -32.65 -7.97 -5.53
CA PHE A 676 -31.34 -8.02 -6.17
C PHE A 676 -30.36 -8.90 -5.49
N ALA A 677 -29.62 -9.64 -6.27
CA ALA A 677 -28.52 -10.37 -5.70
C ALA A 677 -27.33 -10.14 -6.57
N GLY A 678 -26.31 -10.95 -6.38
CA GLY A 678 -25.12 -10.80 -7.17
C GLY A 678 -23.98 -10.15 -6.40
N GLU A 679 -22.79 -10.43 -6.92
CA GLU A 679 -21.52 -9.96 -6.44
C GLU A 679 -21.47 -8.48 -6.08
N HIS A 680 -22.13 -7.61 -6.81
CA HIS A 680 -22.09 -6.18 -6.50
C HIS A 680 -22.95 -5.82 -5.30
N THR A 681 -23.64 -6.79 -4.69
CA THR A 681 -24.61 -6.48 -3.63
C THR A 681 -24.13 -6.74 -2.21
N ILE A 682 -23.01 -7.43 -2.08
CA ILE A 682 -22.64 -7.99 -0.80
C ILE A 682 -21.42 -7.28 -0.25
N ARG A 683 -21.69 -6.38 0.68
CA ARG A 683 -20.73 -5.43 1.18
C ARG A 683 -19.43 -6.06 1.69
N ASN A 684 -19.54 -7.18 2.38
CA ASN A 684 -18.36 -7.71 3.02
C ASN A 684 -17.55 -8.64 2.15
N TYR A 685 -18.05 -8.99 0.99
CA TYR A 685 -17.26 -9.84 0.12
C TYR A 685 -17.52 -9.55 -1.36
N PRO A 686 -17.45 -8.29 -1.79
CA PRO A 686 -17.70 -8.10 -3.21
C PRO A 686 -16.68 -8.75 -4.14
N ALA A 687 -16.90 -8.50 -5.42
CA ALA A 687 -16.06 -8.96 -6.50
C ALA A 687 -15.49 -10.36 -6.36
N THR A 688 -16.16 -11.24 -5.66
CA THR A 688 -15.65 -12.59 -5.57
C THR A 688 -16.66 -13.58 -6.09
N VAL A 689 -16.40 -14.85 -5.88
CA VAL A 689 -17.38 -15.84 -6.29
C VAL A 689 -18.15 -16.21 -5.05
N HIS A 690 -17.44 -16.43 -3.95
CA HIS A 690 -18.09 -16.74 -2.69
C HIS A 690 -19.01 -15.59 -2.39
N GLY A 691 -18.62 -14.39 -2.78
CA GLY A 691 -19.43 -13.20 -2.56
C GLY A 691 -20.78 -13.31 -3.22
N ALA A 692 -20.76 -13.65 -4.50
CA ALA A 692 -21.95 -13.90 -5.26
C ALA A 692 -22.80 -14.90 -4.51
N LEU A 693 -22.32 -16.13 -4.52
CA LEU A 693 -23.00 -17.24 -3.88
C LEU A 693 -23.69 -16.89 -2.58
N LEU A 694 -22.99 -16.18 -1.72
CA LEU A 694 -23.62 -15.72 -0.49
C LEU A 694 -24.77 -14.79 -0.78
N SER A 695 -24.60 -13.84 -1.71
CA SER A 695 -25.69 -12.89 -1.94
C SER A 695 -26.89 -13.68 -2.40
N GLY A 696 -26.66 -14.62 -3.30
CA GLY A 696 -27.72 -15.52 -3.73
C GLY A 696 -28.44 -16.19 -2.57
N LEU A 697 -27.68 -16.83 -1.69
CA LEU A 697 -28.25 -17.52 -0.54
C LEU A 697 -29.08 -16.58 0.29
N ARG A 698 -28.56 -15.39 0.45
CA ARG A 698 -29.18 -14.36 1.25
C ARG A 698 -30.52 -14.01 0.70
N GLU A 699 -30.57 -13.67 -0.58
CA GLU A 699 -31.81 -13.21 -1.16
C GLU A 699 -32.80 -14.33 -1.11
N ALA A 700 -32.41 -15.52 -1.52
CA ALA A 700 -33.30 -16.68 -1.41
C ALA A 700 -33.94 -16.81 -0.04
N GLY A 701 -33.13 -16.68 1.00
CA GLY A 701 -33.71 -16.59 2.32
C GLY A 701 -34.71 -15.45 2.46
N ARG A 702 -34.39 -14.28 1.92
CA ARG A 702 -35.26 -13.12 2.09
C ARG A 702 -36.60 -13.30 1.43
N ILE A 703 -36.54 -13.84 0.23
CA ILE A 703 -37.68 -14.05 -0.65
C ILE A 703 -38.57 -15.09 -0.01
N ALA A 704 -37.99 -16.24 0.29
CA ALA A 704 -38.71 -17.29 0.98
C ALA A 704 -39.44 -16.72 2.17
N ASP A 705 -38.71 -16.07 3.06
CA ASP A 705 -39.32 -15.42 4.22
C ASP A 705 -40.52 -14.59 3.81
N GLN A 706 -40.37 -13.80 2.76
CA GLN A 706 -41.46 -12.93 2.34
C GLN A 706 -42.71 -13.68 1.87
N PHE A 707 -42.55 -14.72 1.06
CA PHE A 707 -43.70 -15.34 0.41
C PHE A 707 -44.14 -16.64 1.04
N LEU A 708 -43.24 -17.36 1.67
CA LEU A 708 -43.66 -18.59 2.31
C LEU A 708 -43.86 -18.38 3.81
N GLY A 709 -43.41 -17.25 4.33
CA GLY A 709 -43.58 -16.93 5.73
C GLY A 709 -42.53 -17.57 6.61
N ALA A 710 -42.07 -16.79 7.59
CA ALA A 710 -41.08 -17.26 8.53
C ALA A 710 -41.74 -17.71 9.82
N MET A 711 -41.71 -19.01 10.06
CA MET A 711 -42.41 -19.56 11.22
C MET A 711 -41.50 -19.64 12.45
N TYR A 712 -40.24 -19.26 12.29
CA TYR A 712 -39.25 -19.43 13.34
C TYR A 712 -39.01 -18.18 14.18
N THR A 713 -39.93 -17.22 14.13
CA THR A 713 -39.71 -15.96 14.82
C THR A 713 -40.69 -15.71 15.97
N LEU A 714 -40.96 -16.74 16.76
CA LEU A 714 -41.94 -16.62 17.85
C LEU A 714 -41.41 -17.14 19.18
N ARG B 4 -1.15 5.27 13.71
CA ARG B 4 -0.80 6.46 14.48
C ARG B 4 0.52 7.07 14.05
N LYS B 5 1.47 6.23 13.64
CA LYS B 5 2.75 6.70 13.14
C LYS B 5 3.02 6.20 11.73
N PRO B 6 3.55 7.07 10.86
CA PRO B 6 3.91 6.66 9.51
C PRO B 6 4.97 5.57 9.57
N PRO B 7 5.11 4.77 8.52
CA PRO B 7 6.18 3.78 8.48
C PRO B 7 7.54 4.46 8.66
N LYS B 8 8.53 3.71 9.10
CA LYS B 8 9.87 4.27 9.24
C LYS B 8 10.49 4.50 7.88
N GLY B 9 11.27 5.56 7.75
CA GLY B 9 11.85 5.94 6.47
C GLY B 9 10.81 6.67 5.65
N MET B 10 9.64 6.87 6.26
CA MET B 10 8.54 7.59 5.62
C MET B 10 8.33 8.88 6.38
N PHE B 11 8.31 9.98 5.63
CA PHE B 11 8.20 11.29 6.25
C PHE B 11 6.93 11.96 5.79
N LEU B 12 5.96 12.06 6.69
CA LEU B 12 4.65 12.59 6.36
C LEU B 12 4.25 13.73 7.29
N SER B 13 4.60 14.96 6.92
CA SER B 13 4.26 16.13 7.71
C SER B 13 3.04 16.84 7.16
N GLN B 14 2.31 17.52 8.03
CA GLN B 14 1.10 18.24 7.64
C GLN B 14 1.42 19.38 6.69
N GLU B 15 2.31 20.25 7.18
CA GLU B 15 2.76 21.43 6.45
C GLU B 15 3.18 21.13 5.02
N ASP B 16 3.94 20.05 4.87
CA ASP B 16 4.46 19.65 3.58
C ASP B 16 3.32 19.25 2.62
N VAL B 17 2.42 18.40 3.11
CA VAL B 17 1.26 17.94 2.32
C VAL B 17 0.41 19.11 1.83
N GLU B 18 0.08 20.01 2.75
CA GLU B 18 -0.69 21.19 2.38
C GLU B 18 0.07 22.08 1.40
N ALA B 19 1.40 22.07 1.50
CA ALA B 19 2.24 22.89 0.64
C ALA B 19 2.35 22.38 -0.80
N VAL B 20 2.27 21.06 -0.97
CA VAL B 20 2.36 20.49 -2.32
C VAL B 20 0.97 20.31 -2.95
N SER B 21 -0.06 20.18 -2.11
CA SER B 21 -1.42 19.94 -2.58
C SER B 21 -2.07 21.17 -3.21
N ALA B 22 -1.56 22.34 -2.86
CA ALA B 22 -2.18 23.61 -3.23
C ALA B 22 -2.44 23.73 -4.73
N ASN B 23 -1.45 23.37 -5.55
CA ASN B 23 -1.59 23.52 -7.00
C ASN B 23 -1.60 22.19 -7.75
N ALA B 24 -1.89 22.27 -9.05
CA ALA B 24 -1.90 21.08 -9.90
C ALA B 24 -0.47 20.61 -10.15
N THR B 25 0.47 21.55 -10.12
CA THR B 25 1.89 21.22 -10.28
C THR B 25 2.78 21.96 -9.28
N ALA B 26 2.30 22.15 -8.05
CA ALA B 26 3.13 22.72 -7.00
C ALA B 26 4.25 21.76 -6.67
N ALA B 27 4.03 20.50 -7.04
CA ALA B 27 5.02 19.45 -6.91
C ALA B 27 6.31 19.80 -7.63
N THR B 28 6.27 19.71 -8.95
CA THR B 28 7.44 19.98 -9.78
C THR B 28 7.98 21.39 -9.55
N THR B 29 7.13 22.28 -9.06
CA THR B 29 7.56 23.61 -8.69
C THR B 29 8.54 23.55 -7.54
N VAL B 30 8.07 23.03 -6.42
CA VAL B 30 8.92 22.93 -5.24
C VAL B 30 10.17 22.11 -5.54
N LEU B 31 9.99 20.98 -6.22
CA LEU B 31 11.12 20.13 -6.54
C LEU B 31 12.16 20.86 -7.40
N ARG B 32 11.71 21.61 -8.40
CA ARG B 32 12.64 22.39 -9.19
C ARG B 32 13.33 23.44 -8.34
N GLN B 33 12.59 24.09 -7.45
CA GLN B 33 13.21 25.06 -6.56
C GLN B 33 14.33 24.44 -5.76
N LEU B 34 14.07 23.24 -5.25
CA LEU B 34 15.08 22.54 -4.51
C LEU B 34 16.28 22.22 -5.38
N ASP B 35 16.05 21.86 -6.65
CA ASP B 35 17.17 21.58 -7.53
C ASP B 35 18.02 22.83 -7.72
N MET B 36 17.35 23.96 -7.81
CA MET B 36 18.05 25.24 -7.94
C MET B 36 18.88 25.54 -6.70
N GLU B 37 18.27 25.45 -5.53
CA GLU B 37 19.00 25.60 -4.27
C GLU B 37 20.23 24.72 -4.27
N LEU B 38 20.02 23.46 -4.60
CA LEU B 38 21.08 22.48 -4.62
C LEU B 38 22.25 22.94 -5.48
N VAL B 39 21.96 23.26 -6.73
CA VAL B 39 23.06 23.61 -7.63
C VAL B 39 23.75 24.90 -7.20
N SER B 40 23.00 25.88 -6.71
CA SER B 40 23.61 27.13 -6.26
C SER B 40 24.57 26.85 -5.10
N VAL B 41 24.14 26.00 -4.19
CA VAL B 41 24.99 25.61 -3.07
C VAL B 41 26.27 24.96 -3.57
N LYS B 42 26.14 23.99 -4.46
CA LYS B 42 27.35 23.32 -4.94
C LYS B 42 28.29 24.30 -5.64
N ARG B 43 27.73 25.28 -6.33
CA ARG B 43 28.57 26.30 -6.94
C ARG B 43 29.37 27.02 -5.86
N GLN B 44 28.66 27.45 -4.82
CA GLN B 44 29.29 28.12 -3.71
C GLN B 44 30.44 27.28 -3.13
N ILE B 45 30.19 26.00 -2.99
CA ILE B 45 31.22 25.06 -2.56
C ILE B 45 32.44 25.11 -3.43
N GLN B 46 32.24 25.04 -4.75
CA GLN B 46 33.37 25.13 -5.67
C GLN B 46 34.18 26.37 -5.37
N ASN B 47 33.47 27.49 -5.32
CA ASN B 47 34.09 28.78 -5.09
C ASN B 47 34.98 28.81 -3.85
N ILE B 48 34.38 28.49 -2.71
CA ILE B 48 35.13 28.51 -1.46
C ILE B 48 36.22 27.46 -1.45
N LYS B 49 36.03 26.38 -2.17
CA LYS B 49 37.06 25.36 -2.22
C LYS B 49 38.27 25.90 -2.92
N GLN B 50 38.04 26.70 -3.95
CA GLN B 50 39.17 27.25 -4.67
C GLN B 50 39.82 28.39 -3.92
N THR B 51 39.06 29.28 -3.32
CA THR B 51 39.70 30.33 -2.54
C THR B 51 40.48 29.70 -1.40
N ASN B 52 39.93 28.66 -0.79
CA ASN B 52 40.65 27.98 0.26
C ASN B 52 41.87 27.27 -0.28
N SER B 53 41.84 26.82 -1.52
CA SER B 53 43.02 26.16 -2.08
C SER B 53 44.11 27.19 -2.33
N ALA B 54 43.70 28.39 -2.68
CA ALA B 54 44.62 29.50 -2.88
C ALA B 54 45.28 29.89 -1.56
N LEU B 55 44.46 30.14 -0.54
CA LEU B 55 45.00 30.46 0.77
C LEU B 55 45.92 29.35 1.24
N LYS B 56 45.57 28.11 0.97
CA LYS B 56 46.42 27.00 1.40
C LYS B 56 47.73 27.08 0.65
N GLU B 57 47.68 27.57 -0.58
CA GLU B 57 48.90 27.71 -1.35
C GLU B 57 49.80 28.78 -0.78
N LYS B 58 49.22 29.86 -0.26
CA LYS B 58 50.03 30.88 0.37
C LYS B 58 50.82 30.34 1.57
N LEU B 59 50.15 29.65 2.48
CA LEU B 59 50.82 29.21 3.70
C LEU B 59 51.91 28.17 3.45
N ASP B 60 52.24 27.92 2.19
CA ASP B 60 53.24 26.91 1.90
C ASP B 60 54.59 27.35 2.44
N GLY B 61 55.15 26.51 3.31
CA GLY B 61 56.45 26.77 3.91
C GLY B 61 56.34 26.77 5.41
N GLY B 62 55.10 26.76 5.91
CA GLY B 62 54.87 26.85 7.34
C GLY B 62 55.58 28.04 7.92
N ILE B 63 55.96 27.96 9.18
CA ILE B 63 56.71 29.03 9.80
C ILE B 63 58.07 28.52 10.28
N GLU B 64 58.46 27.36 9.79
CA GLU B 64 59.71 26.73 10.20
C GLU B 64 60.93 27.63 10.12
N PRO B 65 61.07 28.40 9.04
CA PRO B 65 62.23 29.28 9.02
C PRO B 65 62.23 30.35 10.11
N TYR B 66 61.08 30.58 10.73
CA TYR B 66 60.98 31.69 11.66
C TYR B 66 60.88 31.25 13.09
N ARG B 67 61.06 29.96 13.32
CA ARG B 67 60.93 29.47 14.67
C ARG B 67 62.28 29.45 15.35
N LEU B 68 62.33 30.05 16.53
CA LEU B 68 63.53 30.12 17.31
C LEU B 68 63.51 29.03 18.37
N PRO B 69 64.69 28.51 18.72
CA PRO B 69 64.82 27.50 19.77
C PRO B 69 64.38 28.03 21.14
N GLU B 70 64.27 27.14 22.11
CA GLU B 70 63.70 27.51 23.40
C GLU B 70 64.74 27.60 24.52
N VAL B 71 64.80 28.77 25.16
CA VAL B 71 65.68 28.95 26.31
C VAL B 71 65.13 28.15 27.49
N ILE B 72 66.02 27.53 28.25
CA ILE B 72 65.61 26.59 29.28
C ILE B 72 65.99 27.04 30.70
N GLN B 73 66.43 28.30 30.83
CA GLN B 73 66.95 28.83 32.09
C GLN B 73 66.07 28.54 33.31
N LYS B 74 66.66 27.87 34.29
CA LYS B 74 65.99 27.55 35.55
C LYS B 74 65.67 28.82 36.32
N CYS B 75 64.61 28.79 37.10
CA CYS B 75 64.21 29.98 37.84
C CYS B 75 65.12 30.21 39.04
N ASN B 76 65.85 31.33 39.01
CA ASN B 76 66.69 31.73 40.12
C ASN B 76 65.94 32.74 40.99
N ALA B 77 66.06 32.63 42.31
CA ALA B 77 65.32 33.50 43.19
C ALA B 77 65.90 34.91 43.24
N ARG B 78 67.21 35.04 43.05
CA ARG B 78 67.86 36.34 43.18
C ARG B 78 67.62 37.23 41.97
N TRP B 79 67.35 38.49 42.25
CA TRP B 79 67.13 39.49 41.20
C TRP B 79 68.37 40.31 40.88
N THR B 80 68.97 40.04 39.73
CA THR B 80 70.07 40.89 39.30
C THR B 80 69.50 42.22 38.88
N THR B 81 70.30 43.28 39.03
CA THR B 81 69.88 44.60 38.62
C THR B 81 69.52 44.58 37.13
N GLU B 82 70.22 43.72 36.41
CA GLU B 82 69.85 43.44 35.03
C GLU B 82 68.40 43.01 34.96
N GLU B 83 68.09 41.91 35.63
CA GLU B 83 66.76 41.35 35.60
C GLU B 83 65.72 42.31 36.13
N GLN B 84 66.09 43.13 37.10
CA GLN B 84 65.18 44.15 37.55
C GLN B 84 64.84 45.09 36.39
N LEU B 85 65.84 45.49 35.62
CA LEU B 85 65.59 46.47 34.56
C LEU B 85 64.80 45.89 33.41
N LEU B 86 65.19 44.69 32.99
CA LEU B 86 64.36 43.88 32.14
C LEU B 86 62.91 43.97 32.61
N ALA B 87 62.70 43.62 33.87
CA ALA B 87 61.37 43.61 34.45
C ALA B 87 60.65 44.92 34.19
N VAL B 88 61.18 46.02 34.70
CA VAL B 88 60.49 47.30 34.56
C VAL B 88 60.12 47.58 33.12
N GLN B 89 61.02 47.31 32.19
CA GLN B 89 60.66 47.56 30.81
C GLN B 89 59.52 46.67 30.38
N ALA B 90 59.58 45.40 30.77
CA ALA B 90 58.58 44.41 30.42
C ALA B 90 57.21 44.85 30.89
N ILE B 91 57.15 45.36 32.10
CA ILE B 91 55.92 45.96 32.59
C ILE B 91 55.49 47.06 31.64
N ARG B 92 56.40 47.97 31.34
CA ARG B 92 56.05 49.12 30.52
C ARG B 92 55.46 48.70 29.18
N LYS B 93 55.84 47.52 28.69
CA LYS B 93 55.38 47.10 27.37
C LYS B 93 54.19 46.19 27.44
N TYR B 94 54.07 45.43 28.52
CA TYR B 94 53.08 44.37 28.59
C TYR B 94 52.00 44.62 29.63
N GLY B 95 52.24 45.58 30.51
CA GLY B 95 51.29 45.90 31.54
C GLY B 95 51.20 44.80 32.57
N ARG B 96 50.06 44.12 32.61
CA ARG B 96 49.77 43.19 33.69
C ARG B 96 50.01 41.75 33.31
N ASP B 97 50.28 41.52 32.03
CA ASP B 97 50.53 40.18 31.55
C ASP B 97 51.75 39.61 32.24
N PHE B 98 51.56 38.94 33.37
CA PHE B 98 52.71 38.46 34.13
C PHE B 98 53.42 37.34 33.43
N GLN B 99 52.70 36.59 32.61
CA GLN B 99 53.32 35.49 31.90
C GLN B 99 54.36 35.99 30.89
N ALA B 100 53.94 36.94 30.06
CA ALA B 100 54.85 37.57 29.11
C ALA B 100 56.08 38.02 29.83
N ILE B 101 55.87 38.75 30.92
CA ILE B 101 56.96 39.26 31.71
C ILE B 101 57.90 38.12 32.15
N SER B 102 57.32 37.03 32.63
CA SER B 102 58.15 35.91 33.05
C SER B 102 58.97 35.36 31.90
N ASP B 103 58.40 35.36 30.70
CA ASP B 103 59.09 34.77 29.57
C ASP B 103 60.19 35.67 29.05
N VAL B 104 59.97 36.97 29.15
CA VAL B 104 60.99 37.94 28.84
C VAL B 104 62.17 37.73 29.77
N ILE B 105 61.92 37.69 31.07
CA ILE B 105 63.04 37.57 32.00
C ILE B 105 63.63 36.15 32.01
N GLY B 106 62.77 35.16 31.84
CA GLY B 106 63.23 33.81 31.56
C GLY B 106 63.62 32.96 32.74
N ASN B 107 64.31 33.56 33.71
CA ASN B 107 64.70 32.83 34.91
C ASN B 107 63.91 33.29 36.13
N LYS B 108 62.71 33.79 35.90
CA LYS B 108 61.83 34.18 36.99
C LYS B 108 60.43 33.64 36.75
N SER B 109 59.82 33.18 37.82
CA SER B 109 58.45 32.68 37.75
C SER B 109 57.47 33.81 38.03
N VAL B 110 56.21 33.55 37.72
CA VAL B 110 55.16 34.55 37.78
C VAL B 110 54.92 35.05 39.20
N VAL B 111 55.06 34.15 40.14
CA VAL B 111 54.89 34.49 41.53
C VAL B 111 55.98 35.48 41.91
N GLN B 112 57.21 35.14 41.54
CA GLN B 112 58.35 35.99 41.79
C GLN B 112 58.12 37.33 41.14
N VAL B 113 57.52 37.29 39.97
CA VAL B 113 57.14 38.51 39.25
C VAL B 113 56.24 39.39 40.10
N LYS B 114 55.13 38.81 40.57
CA LYS B 114 54.20 39.56 41.40
C LYS B 114 54.89 40.11 42.66
N ASN B 115 55.71 39.28 43.29
CA ASN B 115 56.48 39.74 44.44
C ASN B 115 57.29 40.96 44.08
N PHE B 116 57.94 40.86 42.94
CA PHE B 116 58.74 41.96 42.44
C PHE B 116 57.85 43.19 42.36
N PHE B 117 56.67 43.00 41.78
CA PHE B 117 55.70 44.08 41.66
C PHE B 117 55.56 44.78 42.99
N VAL B 118 55.28 44.00 44.02
CA VAL B 118 54.96 44.56 45.32
C VAL B 118 56.14 45.24 45.99
N ASN B 119 57.24 44.51 46.11
CA ASN B 119 58.40 44.97 46.84
C ASN B 119 58.91 46.31 46.35
N TYR B 120 59.11 46.39 45.04
CA TYR B 120 59.74 47.56 44.46
C TYR B 120 58.71 48.55 43.98
N ARG B 121 57.45 48.30 44.31
CA ARG B 121 56.35 49.14 43.84
C ARG B 121 56.57 50.60 44.20
N ARG B 122 57.34 50.82 45.24
CA ARG B 122 57.63 52.16 45.69
C ARG B 122 58.74 52.76 44.85
N ARG B 123 59.84 52.02 44.79
CA ARG B 123 61.11 52.52 44.27
C ARG B 123 61.16 52.59 42.76
N PHE B 124 60.36 51.74 42.12
CA PHE B 124 60.32 51.70 40.68
C PHE B 124 59.07 52.38 40.15
N ASN B 125 58.38 53.08 41.03
CA ASN B 125 57.16 53.81 40.69
C ASN B 125 56.22 53.03 39.80
N ILE B 126 56.13 51.73 40.03
CA ILE B 126 55.42 50.82 39.13
C ILE B 126 54.00 51.28 38.83
N ASP B 127 53.47 52.10 39.72
CA ASP B 127 52.17 52.67 39.48
C ASP B 127 52.21 53.47 38.19
N GLU B 128 53.07 54.48 38.18
CA GLU B 128 53.26 55.35 37.04
C GLU B 128 53.46 54.52 35.78
N VAL B 129 54.30 53.50 35.90
CA VAL B 129 54.57 52.65 34.77
C VAL B 129 53.30 52.03 34.21
N LEU B 130 52.54 51.40 35.09
CA LEU B 130 51.35 50.72 34.62
C LEU B 130 50.40 51.68 33.95
N GLN B 131 50.19 52.84 34.56
CA GLN B 131 49.25 53.77 33.96
C GLN B 131 49.78 54.24 32.60
N GLU B 132 51.10 54.33 32.50
CA GLU B 132 51.73 54.69 31.24
C GLU B 132 51.48 53.65 30.18
N TRP B 133 51.44 52.39 30.57
CA TRP B 133 51.15 51.34 29.61
C TRP B 133 49.69 51.38 29.22
N GLU B 134 48.88 51.75 30.19
CA GLU B 134 47.45 51.84 30.00
C GLU B 134 47.07 52.93 29.01
N ALA B 135 47.86 53.99 28.97
CA ALA B 135 47.67 55.03 27.97
C ALA B 135 47.57 54.42 26.56
N GLU B 136 48.44 53.46 26.27
CA GLU B 136 48.42 52.78 24.99
C GLU B 136 47.27 51.78 24.89
CAA 6FH C 1 8.43 -15.72 0.35
CAB 6FH C 1 8.22 -14.39 -0.35
CAC 6FH C 1 7.21 -13.56 0.43
CAD 6FH C 1 5.90 -14.31 0.52
CAE 6FH C 1 6.99 -12.22 -0.26
CAF 6FH C 1 6.88 -12.40 -1.77
CAG 6FH C 1 5.47 -12.04 -2.25
CAH 6FH C 1 5.05 -10.70 -1.67
CAI 6FH C 1 3.79 -10.89 -0.83
OAJ 6FH C 1 3.52 -11.99 -0.37
N 4FO C 2 3.04 -9.80 -0.65
CA 4FO C 2 1.81 -9.88 0.11
C 4FO C 2 1.40 -8.50 0.63
O 4FO C 2 0.98 -7.63 -0.12
CB 4FO C 2 0.71 -10.40 -0.79
CG 4FO C 2 0.88 -9.86 -2.21
NZ 4FO C 2 -0.12 -10.41 -3.10
N DTH C 3 1.52 -8.32 1.96
CA DTH C 3 1.14 -7.06 2.55
CB DTH C 3 1.90 -6.81 3.84
CG2 DTH C 3 1.96 -8.10 4.66
OG1 DTH C 3 1.20 -5.80 4.59
C DTH C 3 -0.36 -7.05 2.83
O DTH C 3 -0.87 -8.00 3.43
N 4FO C 4 -1.01 -5.95 2.38
CA 4FO C 4 -2.44 -5.67 2.44
C 4FO C 4 -3.28 -6.60 3.32
O 4FO C 4 -3.57 -6.28 4.48
CB 4FO C 4 -2.68 -4.22 2.88
CG 4FO C 4 -4.11 -3.83 2.56
NZ 4FO C 4 -4.48 -2.57 3.18
N 4FO C 5 -3.71 -7.74 2.75
CA 4FO C 5 -3.38 -8.15 1.39
C 4FO C 5 -3.22 -9.54 1.32
O 4FO C 5 -3.45 -10.11 0.26
CB 4FO C 5 -4.40 -7.66 0.38
CG 4FO C 5 -5.85 -8.01 0.71
NZ 4FO C 5 -6.60 -6.90 1.30
N DAB C 6 -2.83 -10.26 2.45
CA DAB C 6 -2.62 -11.71 2.47
C DAB C 6 -1.96 -12.16 1.33
O DAB C 6 -0.74 -12.31 1.32
CB DAB C 6 -3.94 -12.46 2.61
CG DAB C 6 -4.09 -12.89 4.06
ND DAB C 6 -3.65 -11.82 4.93
N PHE C 7 -2.69 -12.44 0.18
CA PHE C 7 -2.00 -12.93 -0.99
C PHE C 7 -2.60 -12.40 -2.12
N LEU C 8 -3.78 -12.98 -2.64
CA LEU C 8 -4.41 -12.49 -3.86
C LEU C 8 -5.73 -12.05 -3.61
N DAB C 9 -6.08 -11.39 -2.41
CA DAB C 9 -7.48 -11.01 -2.21
C DAB C 9 -7.82 -9.82 -2.86
O DAB C 9 -7.12 -9.36 -3.76
CB DAB C 9 -7.85 -10.95 -0.72
CG DAB C 9 -7.78 -12.35 -0.12
ND DAB C 9 -8.18 -12.35 1.27
N DAB C 10 -9.04 -9.18 -2.54
CA DAB C 10 -9.48 -7.98 -3.22
C DAB C 10 -8.86 -6.88 -2.63
O DAB C 10 -8.80 -5.81 -3.24
CB DAB C 10 -10.99 -7.82 -3.16
CG DAB C 10 -11.48 -7.05 -4.38
ND DAB C 10 -11.85 -5.69 -4.02
N DTH C 11 -8.28 -7.02 -1.35
CA DTH C 11 -7.61 -5.86 -0.77
CB DTH C 11 -6.33 -5.52 -1.51
CG2 DTH C 11 -5.45 -4.63 -0.65
OG1 DTH C 11 -6.68 -4.86 -2.73
C DTH C 11 -7.43 -5.95 0.63
O DTH C 11 -7.99 -5.09 1.31
PA FAD D . -22.52 -13.28 -13.28
O1A FAD D . -22.07 -12.51 -14.51
O2A FAD D . -21.75 -14.57 -13.07
O5B FAD D . -24.04 -13.65 -13.44
C5B FAD D . -24.81 -12.78 -14.23
C4B FAD D . -25.60 -13.59 -15.27
O4B FAD D . -26.54 -12.81 -15.74
C3B FAD D . -24.69 -13.90 -16.44
O3B FAD D . -24.77 -15.19 -16.78
C2B FAD D . -25.27 -13.04 -17.59
O2B FAD D . -25.08 -13.79 -18.80
C1B FAD D . -26.51 -13.01 -17.31
N9A FAD D . -27.08 -11.88 -17.92
C8A FAD D . -26.49 -10.67 -18.03
N7A FAD D . -27.34 -9.83 -18.68
C5A FAD D . -28.47 -10.54 -18.96
C6A FAD D . -29.59 -10.14 -19.58
N6A FAD D . -30.01 -8.88 -20.15
N1A FAD D . -30.62 -11.03 -19.74
C2A FAD D . -30.52 -12.32 -19.29
N3A FAD D . -29.38 -12.71 -18.67
C4A FAD D . -28.35 -11.80 -18.50
N1 FAD D . -13.84 -14.22 -8.02
C2 FAD D . -13.01 -15.07 -7.14
O2 FAD D . -13.41 -15.39 -6.02
N3 FAD D . -11.72 -15.57 -7.57
C4 FAD D . -11.25 -15.23 -8.86
O4 FAD D . -10.14 -15.62 -9.28
C4X FAD D . -12.08 -14.36 -9.73
N5 FAD D . -11.55 -14.08 -10.98
C5X FAD D . -12.30 -13.26 -11.90
C6 FAD D . -11.72 -13.00 -13.13
C7 FAD D . -12.41 -12.23 -14.03
C7M FAD D . -11.62 -12.07 -15.32
C8 FAD D . -13.64 -11.72 -13.72
C8M FAD D . -14.32 -10.88 -14.78
C9 FAD D . -14.23 -11.97 -12.47
C9A FAD D . -13.54 -12.76 -11.56
N10 FAD D . -14.11 -13.05 -10.24
C10 FAD D . -13.37 -13.86 -9.33
C1' FAD D . -15.42 -12.51 -9.92
C2' FAD D . -16.51 -13.62 -10.00
O2' FAD D . -16.34 -14.38 -11.09
C3' FAD D . -17.87 -12.99 -10.19
O3' FAD D . -18.02 -11.95 -9.27
C4' FAD D . -18.97 -13.99 -9.85
O4' FAD D . -19.22 -14.94 -10.83
C5' FAD D . -20.21 -13.12 -9.73
O5' FAD D . -21.27 -13.90 -10.21
P FAD D . -22.57 -13.14 -10.56
O1P FAD D . -23.56 -14.25 -10.65
O2P FAD D . -23.05 -12.09 -9.53
O3P FAD D . -22.37 -12.44 -11.97
#